data_2FPZ
#
_entry.id   2FPZ
#
_cell.length_a   78.895
_cell.length_b   78.895
_cell.length_c   165.981
_cell.angle_alpha   90.0
_cell.angle_beta   90.0
_cell.angle_gamma   120.0
#
_symmetry.space_group_name_H-M   'P 31'
#
loop_
_entity.id
_entity.type
_entity.pdbx_description
1 polymer 'Tryptase beta-2'
2 non-polymer 1H-benzimidazol-2-amine
3 water water
#
_entity_poly.entity_id   1
_entity_poly.type   'polypeptide(L)'
_entity_poly.pdbx_seq_one_letter_code
;IVGGQEAPRSKWPWQVSLRVHGPYWMHFCGGSLIHPQWVLTAAHCVGPDVKDLAALRVQLREQHLYYQDQLLPVSRIIVH
PQFYTAQIGADIALLELEEPVKVSSHVHTVTLPPASETFPPGMPCWVTGWGDVDNDERLPPPFPLKQVKVPIMENHICDA
KYHLGAYTGDDVRIVRDDMLCAGNTRRDSCQGDSGGPLVCKVNGTWLQAGVVSWGEGCAQPNRPGIYTRVTYYLDWIHHY
VPKKP
;
_entity_poly.pdbx_strand_id   A,B,C,D
#
# COMPACT_ATOMS: atom_id res chain seq x y z
N ILE A 1 4.41 5.22 -21.21
CA ILE A 1 5.32 4.95 -22.37
C ILE A 1 6.66 4.40 -21.88
N VAL A 2 7.13 3.34 -22.53
CA VAL A 2 8.41 2.74 -22.18
C VAL A 2 9.47 2.96 -23.24
N GLY A 3 10.65 3.42 -22.80
CA GLY A 3 11.75 3.64 -23.71
C GLY A 3 11.69 4.86 -24.60
N GLY A 4 10.84 5.83 -24.25
CA GLY A 4 10.74 7.02 -25.08
C GLY A 4 11.24 8.26 -24.35
N GLN A 5 10.86 9.43 -24.85
CA GLN A 5 11.28 10.68 -24.21
C GLN A 5 10.17 11.73 -24.25
N GLU A 6 10.43 12.89 -23.66
CA GLU A 6 9.46 13.98 -23.65
C GLU A 6 9.16 14.35 -25.08
N ALA A 7 7.90 14.64 -25.38
CA ALA A 7 7.52 15.02 -26.73
C ALA A 7 7.67 16.53 -26.88
N PRO A 8 8.07 16.98 -28.09
CA PRO A 8 8.24 18.41 -28.36
C PRO A 8 6.86 19.06 -28.28
N ARG A 9 6.79 20.30 -27.79
CA ARG A 9 5.50 20.98 -27.66
C ARG A 9 4.68 21.06 -28.96
N SER A 10 5.36 21.08 -30.10
CA SER A 10 4.67 21.18 -31.38
C SER A 10 4.20 19.86 -31.97
N LYS A 11 4.41 18.76 -31.27
CA LYS A 11 4.00 17.46 -31.79
C LYS A 11 2.81 16.81 -31.10
N TRP A 12 2.06 16.01 -31.87
CA TRP A 12 0.91 15.29 -31.37
C TRP A 12 -0.21 16.21 -30.85
N PRO A 13 -0.66 17.18 -31.67
CA PRO A 13 -1.72 18.11 -31.26
C PRO A 13 -3.09 17.48 -31.01
N TRP A 14 -3.24 16.21 -31.36
CA TRP A 14 -4.51 15.47 -31.20
C TRP A 14 -4.59 14.62 -29.93
N GLN A 15 -3.50 14.58 -29.17
CA GLN A 15 -3.48 13.78 -27.95
C GLN A 15 -4.37 14.38 -26.87
N VAL A 16 -5.16 13.54 -26.20
CA VAL A 16 -6.01 14.03 -25.12
C VAL A 16 -5.84 13.15 -23.91
N SER A 17 -6.28 13.64 -22.76
CA SER A 17 -6.20 12.93 -21.50
C SER A 17 -7.59 12.82 -20.88
N LEU A 18 -8.00 11.61 -20.49
CA LEU A 18 -9.30 11.41 -19.88
C LEU A 18 -9.15 11.51 -18.37
N ARG A 19 -10.02 12.28 -17.72
CA ARG A 19 -9.95 12.48 -16.27
C ARG A 19 -11.18 11.97 -15.53
N VAL A 20 -10.95 11.47 -14.33
CA VAL A 20 -12.03 10.97 -13.49
C VAL A 20 -12.14 11.79 -12.20
N HIS A 21 -13.37 12.10 -11.81
CA HIS A 21 -13.62 12.88 -10.61
C HIS A 21 -13.12 12.20 -9.35
N GLY A 22 -12.52 12.98 -8.46
CA GLY A 22 -11.99 12.47 -7.21
C GLY A 22 -11.32 13.58 -6.44
N PRO A 23 -10.35 13.28 -5.55
CA PRO A 23 -9.70 14.36 -4.81
C PRO A 23 -9.26 15.42 -5.82
N TYR A 24 -8.95 14.95 -7.02
CA TYR A 24 -8.56 15.82 -8.13
C TYR A 24 -8.92 15.09 -9.42
N TRP A 25 -9.03 15.83 -10.53
CA TRP A 25 -9.36 15.21 -11.81
C TRP A 25 -8.14 14.46 -12.32
N MET A 26 -8.06 13.19 -11.93
CA MET A 26 -6.95 12.32 -12.26
C MET A 26 -7.00 11.65 -13.64
N HIS A 27 -5.84 11.58 -14.29
CA HIS A 27 -5.70 10.97 -15.60
C HIS A 27 -5.82 9.46 -15.46
N PHE A 28 -6.60 8.81 -16.33
CA PHE A 28 -6.74 7.36 -16.25
C PHE A 28 -6.57 6.66 -17.61
N CYS A 29 -6.60 7.44 -18.68
CA CYS A 29 -6.47 6.90 -20.04
C CYS A 29 -6.23 8.05 -21.01
N GLY A 30 -5.82 7.69 -22.22
CA GLY A 30 -5.58 8.68 -23.26
C GLY A 30 -6.69 8.60 -24.29
N GLY A 31 -6.53 9.37 -25.37
CA GLY A 31 -7.50 9.39 -26.44
C GLY A 31 -6.97 10.29 -27.54
N SER A 32 -7.72 10.46 -28.61
CA SER A 32 -7.29 11.32 -29.71
C SER A 32 -8.46 12.11 -30.26
N LEU A 33 -8.20 13.35 -30.67
CA LEU A 33 -9.25 14.18 -31.24
C LEU A 33 -9.33 13.84 -32.74
N ILE A 34 -10.40 13.16 -33.14
CA ILE A 34 -10.55 12.78 -34.55
C ILE A 34 -11.54 13.68 -35.31
N HIS A 35 -12.18 14.58 -34.58
CA HIS A 35 -13.15 15.51 -35.15
C HIS A 35 -13.30 16.61 -34.11
N PRO A 36 -13.56 17.86 -34.55
CA PRO A 36 -13.71 18.96 -33.60
C PRO A 36 -14.55 18.65 -32.37
N GLN A 37 -15.52 17.74 -32.49
CA GLN A 37 -16.37 17.41 -31.36
C GLN A 37 -16.32 15.94 -30.91
N TRP A 38 -15.38 15.16 -31.44
CA TRP A 38 -15.29 13.74 -31.07
C TRP A 38 -13.90 13.24 -30.70
N VAL A 39 -13.83 12.48 -29.61
CA VAL A 39 -12.59 11.88 -29.13
C VAL A 39 -12.67 10.37 -29.29
N LEU A 40 -11.60 9.78 -29.81
CA LEU A 40 -11.52 8.33 -30.01
C LEU A 40 -10.71 7.74 -28.85
N THR A 41 -11.19 6.65 -28.28
CA THR A 41 -10.47 6.05 -27.16
C THR A 41 -10.75 4.54 -27.08
N ALA A 42 -10.22 3.89 -26.06
CA ALA A 42 -10.41 2.46 -25.89
C ALA A 42 -11.67 2.20 -25.07
N ALA A 43 -12.44 1.19 -25.48
CA ALA A 43 -13.66 0.80 -24.79
C ALA A 43 -13.41 0.42 -23.34
N HIS A 44 -12.34 -0.32 -23.08
CA HIS A 44 -12.05 -0.75 -21.71
C HIS A 44 -11.78 0.40 -20.75
N CYS A 45 -11.56 1.60 -21.28
CA CYS A 45 -11.31 2.76 -20.43
C CYS A 45 -12.62 3.31 -19.87
N VAL A 46 -13.71 3.08 -20.60
CA VAL A 46 -15.02 3.57 -20.18
C VAL A 46 -16.11 2.49 -20.16
N GLY A 47 -15.70 1.23 -20.17
CA GLY A 47 -16.67 0.13 -20.15
C GLY A 47 -16.05 -1.15 -19.61
N PRO A 48 -16.74 -2.30 -19.75
CA PRO A 48 -18.05 -2.45 -20.40
C PRO A 48 -19.24 -1.90 -19.64
N ASP A 49 -19.11 -1.71 -18.34
CA ASP A 49 -20.23 -1.19 -17.56
C ASP A 49 -20.44 0.31 -17.70
N VAL A 50 -21.70 0.71 -17.74
CA VAL A 50 -22.08 2.12 -17.89
C VAL A 50 -21.62 2.99 -16.73
N LYS A 51 -21.09 4.17 -17.05
CA LYS A 51 -20.65 5.12 -16.04
C LYS A 51 -21.35 6.46 -16.33
N ASP A 52 -21.56 7.28 -15.30
CA ASP A 52 -22.23 8.55 -15.55
C ASP A 52 -21.27 9.59 -16.10
N LEU A 53 -21.75 10.34 -17.09
CA LEU A 53 -20.95 11.36 -17.75
C LEU A 53 -20.44 12.45 -16.82
N ALA A 54 -21.12 12.67 -15.71
CA ALA A 54 -20.73 13.72 -14.77
C ALA A 54 -19.34 13.50 -14.15
N ALA A 55 -18.93 12.24 -14.04
CA ALA A 55 -17.63 11.93 -13.44
C ALA A 55 -16.50 11.85 -14.45
N LEU A 56 -16.78 12.24 -15.69
CA LEU A 56 -15.78 12.19 -16.75
C LEU A 56 -15.47 13.56 -17.36
N ARG A 57 -14.20 13.79 -17.68
CA ARG A 57 -13.82 15.04 -18.29
C ARG A 57 -12.70 14.79 -19.29
N VAL A 58 -12.57 15.68 -20.26
CA VAL A 58 -11.54 15.56 -21.28
C VAL A 58 -10.63 16.78 -21.25
N GLN A 59 -9.32 16.53 -21.34
CA GLN A 59 -8.30 17.58 -21.34
C GLN A 59 -7.55 17.50 -22.67
N LEU A 60 -7.55 18.59 -23.43
CA LEU A 60 -6.86 18.61 -24.72
C LEU A 60 -5.34 18.62 -24.49
N ARG A 61 -4.57 18.61 -25.56
CA ARG A 61 -3.11 18.55 -25.44
C ARG A 61 -2.43 19.58 -24.55
N GLU A 62 -1.69 19.07 -23.58
CA GLU A 62 -0.92 19.90 -22.66
C GLU A 62 0.44 19.23 -22.53
N GLN A 63 1.48 20.04 -22.30
CA GLN A 63 2.82 19.51 -22.16
C GLN A 63 2.96 18.73 -20.85
N HIS A 64 2.40 19.28 -19.77
CA HIS A 64 2.45 18.62 -18.48
C HIS A 64 1.05 18.44 -17.90
N LEU A 65 0.74 17.24 -17.45
CA LEU A 65 -0.58 16.97 -16.87
C LEU A 65 -0.79 17.82 -15.63
N TYR A 66 -2.04 18.25 -15.44
CA TYR A 66 -2.48 19.02 -14.27
C TYR A 66 -1.97 20.46 -14.17
N TYR A 67 -0.94 20.78 -14.93
CA TYR A 67 -0.39 22.13 -14.86
C TYR A 67 -1.38 23.23 -15.26
N GLN A 68 -1.70 23.33 -16.54
CA GLN A 68 -2.65 24.34 -16.97
C GLN A 68 -3.88 23.72 -17.59
N ASP A 69 -4.59 22.99 -16.74
CA ASP A 69 -5.81 22.30 -17.13
C ASP A 69 -6.96 23.20 -17.57
N GLN A 70 -7.74 22.71 -18.51
CA GLN A 70 -8.93 23.38 -19.02
C GLN A 70 -9.84 22.22 -19.39
N LEU A 71 -10.46 21.65 -18.37
CA LEU A 71 -11.32 20.49 -18.51
C LEU A 71 -12.61 20.68 -19.29
N LEU A 72 -12.89 19.72 -20.17
CA LEU A 72 -14.07 19.75 -21.03
C LEU A 72 -15.07 18.63 -20.73
N PRO A 73 -16.37 19.00 -20.62
CA PRO A 73 -17.43 18.03 -20.33
C PRO A 73 -17.75 17.20 -21.58
N VAL A 74 -18.20 15.96 -21.35
CA VAL A 74 -18.55 15.03 -22.42
C VAL A 74 -20.08 14.89 -22.48
N SER A 75 -20.65 14.94 -23.67
CA SER A 75 -22.10 14.85 -23.81
C SER A 75 -22.60 13.42 -23.97
N ARG A 76 -21.74 12.54 -24.49
CA ARG A 76 -22.13 11.16 -24.70
C ARG A 76 -20.95 10.21 -24.86
N ILE A 77 -21.10 9.02 -24.27
CA ILE A 77 -20.10 7.97 -24.37
C ILE A 77 -20.68 6.84 -25.21
N ILE A 78 -20.02 6.50 -26.30
CA ILE A 78 -20.46 5.43 -27.19
C ILE A 78 -19.42 4.31 -27.23
N VAL A 79 -19.75 3.18 -26.62
CA VAL A 79 -18.86 2.02 -26.58
C VAL A 79 -19.32 1.00 -27.62
N HIS A 80 -18.39 0.42 -28.37
CA HIS A 80 -18.79 -0.57 -29.36
C HIS A 80 -19.57 -1.68 -28.65
N PRO A 81 -20.76 -2.04 -29.16
CA PRO A 81 -21.59 -3.08 -28.56
C PRO A 81 -20.99 -4.48 -28.51
N GLN A 82 -20.00 -4.75 -29.33
CA GLN A 82 -19.38 -6.06 -29.34
C GLN A 82 -18.24 -6.16 -28.32
N PHE A 83 -18.03 -5.09 -27.56
CA PHE A 83 -16.97 -5.10 -26.55
C PHE A 83 -17.35 -5.62 -25.17
N TYR A 84 -16.51 -6.50 -24.63
CA TYR A 84 -16.68 -6.98 -23.27
C TYR A 84 -15.29 -6.91 -22.61
N THR A 85 -14.27 -7.45 -23.27
CA THR A 85 -12.90 -7.36 -22.73
C THR A 85 -11.92 -7.09 -23.87
N ALA A 86 -10.75 -6.56 -23.52
CA ALA A 86 -9.74 -6.26 -24.54
C ALA A 86 -9.27 -7.52 -25.26
N GLN A 87 -9.16 -8.64 -24.55
CA GLN A 87 -8.70 -9.87 -25.17
C GLN A 87 -9.71 -10.45 -26.16
N ILE A 88 -10.98 -10.08 -26.03
CA ILE A 88 -11.98 -10.58 -26.96
C ILE A 88 -12.01 -9.70 -28.20
N GLY A 89 -11.82 -8.39 -28.02
CA GLY A 89 -11.83 -7.48 -29.15
C GLY A 89 -12.83 -6.34 -29.06
N ALA A 90 -12.91 -5.59 -30.15
CA ALA A 90 -13.79 -4.42 -30.27
C ALA A 90 -13.48 -3.37 -29.20
N ASP A 91 -12.23 -3.32 -28.77
CA ASP A 91 -11.82 -2.37 -27.73
C ASP A 91 -11.70 -0.95 -28.29
N ILE A 92 -12.85 -0.32 -28.57
CA ILE A 92 -12.86 1.01 -29.14
C ILE A 92 -14.12 1.74 -28.71
N ALA A 93 -14.02 3.06 -28.51
CA ALA A 93 -15.16 3.86 -28.08
C ALA A 93 -15.06 5.30 -28.56
N LEU A 94 -16.19 6.02 -28.49
CA LEU A 94 -16.23 7.41 -28.90
C LEU A 94 -16.76 8.31 -27.79
N LEU A 95 -16.15 9.48 -27.66
CA LEU A 95 -16.59 10.45 -26.67
C LEU A 95 -17.04 11.72 -27.40
N GLU A 96 -18.32 12.05 -27.31
CA GLU A 96 -18.81 13.26 -27.97
C GLU A 96 -18.71 14.42 -26.99
N LEU A 97 -18.03 15.48 -27.41
CA LEU A 97 -17.85 16.65 -26.54
C LEU A 97 -19.09 17.55 -26.48
N GLU A 98 -19.19 18.32 -25.42
CA GLU A 98 -20.31 19.22 -25.21
C GLU A 98 -20.30 20.34 -26.25
N GLU A 99 -19.10 20.71 -26.69
CA GLU A 99 -18.92 21.76 -27.68
C GLU A 99 -17.83 21.36 -28.66
N PRO A 100 -17.89 21.90 -29.88
CA PRO A 100 -16.84 21.56 -30.85
C PRO A 100 -15.61 22.35 -30.42
N VAL A 101 -14.42 21.80 -30.66
CA VAL A 101 -13.19 22.45 -30.27
C VAL A 101 -12.72 23.43 -31.35
N LYS A 102 -12.17 24.56 -30.93
CA LYS A 102 -11.64 25.55 -31.88
C LYS A 102 -10.21 25.12 -32.21
N VAL A 103 -10.05 24.37 -33.29
CA VAL A 103 -8.74 23.88 -33.67
C VAL A 103 -7.73 24.98 -33.98
N SER A 104 -6.49 24.73 -33.63
CA SER A 104 -5.38 25.66 -33.88
C SER A 104 -4.20 24.81 -34.35
N SER A 105 -3.08 25.44 -34.66
CA SER A 105 -1.92 24.68 -35.12
C SER A 105 -1.41 23.85 -33.95
N HIS A 106 -1.67 24.31 -32.73
CA HIS A 106 -1.23 23.61 -31.53
C HIS A 106 -2.16 22.48 -31.09
N VAL A 107 -3.44 22.60 -31.45
CA VAL A 107 -4.41 21.58 -31.08
C VAL A 107 -5.42 21.33 -32.19
N HIS A 108 -5.27 20.21 -32.89
CA HIS A 108 -6.20 19.85 -33.95
C HIS A 108 -6.37 18.34 -34.08
N THR A 109 -7.21 17.93 -35.03
CA THR A 109 -7.52 16.52 -35.25
C THR A 109 -6.44 15.72 -35.98
N VAL A 110 -6.46 14.41 -35.74
CA VAL A 110 -5.54 13.50 -36.42
C VAL A 110 -6.41 12.91 -37.53
N THR A 111 -5.79 12.50 -38.63
CA THR A 111 -6.53 11.94 -39.75
C THR A 111 -6.64 10.41 -39.63
N LEU A 112 -7.83 9.88 -39.95
CA LEU A 112 -8.05 8.44 -39.91
C LEU A 112 -7.65 7.85 -41.25
N PRO A 113 -7.08 6.64 -41.26
CA PRO A 113 -6.65 6.01 -42.51
C PRO A 113 -7.80 5.57 -43.42
N PRO A 114 -7.53 5.43 -44.72
CA PRO A 114 -8.57 5.00 -45.66
C PRO A 114 -8.87 3.54 -45.37
N ALA A 115 -10.08 3.09 -45.71
CA ALA A 115 -10.48 1.71 -45.47
C ALA A 115 -9.48 0.70 -46.01
N SER A 116 -8.87 1.02 -47.13
CA SER A 116 -7.91 0.14 -47.77
C SER A 116 -6.47 0.24 -47.22
N GLU A 117 -6.20 1.26 -46.43
CA GLU A 117 -4.85 1.43 -45.90
C GLU A 117 -4.34 0.25 -45.09
N THR A 118 -3.13 -0.17 -45.41
CA THR A 118 -2.49 -1.27 -44.70
C THR A 118 -1.09 -0.82 -44.27
N PHE A 119 -0.84 -0.83 -42.97
CA PHE A 119 0.45 -0.44 -42.43
C PHE A 119 1.36 -1.66 -42.43
N PRO A 120 2.38 -1.66 -43.29
CA PRO A 120 3.32 -2.78 -43.40
C PRO A 120 4.25 -3.05 -42.24
N PRO A 121 4.58 -4.34 -42.03
CA PRO A 121 5.48 -4.74 -40.95
C PRO A 121 6.78 -3.97 -41.06
N GLY A 122 7.27 -3.45 -39.94
CA GLY A 122 8.52 -2.72 -39.97
C GLY A 122 8.35 -1.21 -40.09
N MET A 123 7.19 -0.76 -40.54
CA MET A 123 6.96 0.68 -40.68
C MET A 123 7.14 1.38 -39.35
N PRO A 124 7.92 2.48 -39.33
CA PRO A 124 8.16 3.23 -38.11
C PRO A 124 6.93 4.06 -37.75
N CYS A 125 6.34 3.79 -36.59
CA CYS A 125 5.16 4.54 -36.17
C CYS A 125 5.46 5.06 -34.78
N TRP A 126 4.53 5.82 -34.21
CA TRP A 126 4.72 6.39 -32.88
C TRP A 126 3.50 6.24 -31.97
N VAL A 127 3.76 5.99 -30.70
CA VAL A 127 2.69 5.87 -29.71
C VAL A 127 3.02 6.94 -28.65
N THR A 128 2.01 7.65 -28.18
CA THR A 128 2.21 8.71 -27.20
C THR A 128 1.29 8.58 -25.99
N GLY A 129 1.68 9.19 -24.87
CA GLY A 129 0.86 9.13 -23.67
C GLY A 129 1.55 9.48 -22.37
N TRP A 130 0.75 9.54 -21.30
CA TRP A 130 1.21 9.87 -19.96
C TRP A 130 1.20 8.65 -19.03
N GLY A 131 1.28 7.46 -19.61
CA GLY A 131 1.24 6.25 -18.81
C GLY A 131 2.57 5.86 -18.17
N ASP A 132 2.56 4.76 -17.43
CA ASP A 132 3.74 4.26 -16.74
C ASP A 132 4.94 4.15 -17.68
N VAL A 133 6.12 4.45 -17.15
CA VAL A 133 7.35 4.40 -17.93
C VAL A 133 8.01 3.02 -17.88
N ASP A 134 7.41 2.13 -17.09
CA ASP A 134 7.84 0.75 -16.97
C ASP A 134 6.81 0.04 -16.10
N ASN A 135 6.89 -1.29 -16.06
CA ASN A 135 5.95 -2.06 -15.27
C ASN A 135 5.92 -1.58 -13.82
N ASP A 136 4.73 -1.19 -13.35
CA ASP A 136 4.58 -0.71 -11.98
C ASP A 136 5.37 0.54 -11.67
N GLU A 137 5.78 1.27 -12.71
CA GLU A 137 6.57 2.48 -12.52
C GLU A 137 5.84 3.68 -13.14
N ARG A 138 5.13 4.44 -12.31
CA ARG A 138 4.36 5.59 -12.79
C ARG A 138 5.22 6.69 -13.38
N LEU A 139 4.60 7.53 -14.20
CA LEU A 139 5.31 8.66 -14.77
C LEU A 139 5.46 9.65 -13.62
N PRO A 140 6.69 10.08 -13.33
CA PRO A 140 6.95 11.03 -12.25
C PRO A 140 6.57 12.46 -12.59
N PRO A 141 6.32 13.30 -11.56
CA PRO A 141 5.97 14.69 -11.84
C PRO A 141 7.20 15.27 -12.53
N PRO A 142 7.04 16.33 -13.34
CA PRO A 142 5.82 17.07 -13.68
C PRO A 142 4.89 16.44 -14.72
N PHE A 143 5.02 15.14 -14.94
CA PHE A 143 4.14 14.42 -15.88
C PHE A 143 4.18 14.91 -17.33
N PRO A 144 5.35 14.89 -17.98
CA PRO A 144 5.39 15.35 -19.37
C PRO A 144 4.78 14.31 -20.31
N LEU A 145 4.24 14.77 -21.43
CA LEU A 145 3.68 13.83 -22.42
C LEU A 145 4.90 13.16 -23.05
N LYS A 146 4.88 11.83 -23.15
CA LYS A 146 6.01 11.10 -23.74
C LYS A 146 5.66 10.48 -25.08
N GLN A 147 6.70 10.11 -25.83
CA GLN A 147 6.55 9.52 -27.16
C GLN A 147 7.59 8.44 -27.35
N VAL A 148 7.34 7.52 -28.26
CA VAL A 148 8.30 6.47 -28.55
C VAL A 148 8.01 5.88 -29.93
N LYS A 149 9.07 5.69 -30.71
CA LYS A 149 8.93 5.12 -32.04
C LYS A 149 8.92 3.61 -31.91
N VAL A 150 7.86 2.99 -32.42
CA VAL A 150 7.72 1.54 -32.36
C VAL A 150 7.42 1.02 -33.78
N PRO A 151 8.05 -0.09 -34.18
CA PRO A 151 7.82 -0.65 -35.51
C PRO A 151 6.57 -1.52 -35.53
N ILE A 152 5.85 -1.50 -36.64
CA ILE A 152 4.65 -2.32 -36.80
C ILE A 152 5.07 -3.78 -36.89
N MET A 153 4.28 -4.68 -36.32
CA MET A 153 4.59 -6.11 -36.38
C MET A 153 3.43 -6.82 -37.07
N GLU A 154 3.75 -7.75 -37.96
CA GLU A 154 2.70 -8.48 -38.68
C GLU A 154 1.83 -9.22 -37.68
N ASN A 155 0.52 -9.15 -37.90
CA ASN A 155 -0.45 -9.79 -37.02
C ASN A 155 -0.12 -11.25 -36.71
N HIS A 156 0.13 -12.05 -37.75
CA HIS A 156 0.47 -13.46 -37.56
C HIS A 156 1.70 -13.66 -36.67
N ILE A 157 2.76 -12.89 -36.91
CA ILE A 157 3.97 -13.00 -36.11
C ILE A 157 3.71 -12.67 -34.64
N CYS A 158 2.92 -11.64 -34.41
CA CYS A 158 2.57 -11.22 -33.06
C CYS A 158 1.83 -12.33 -32.31
N ASP A 159 0.85 -12.93 -32.99
CA ASP A 159 0.06 -14.00 -32.41
C ASP A 159 0.98 -15.17 -32.07
N ALA A 160 1.92 -15.46 -32.96
CA ALA A 160 2.86 -16.54 -32.73
C ALA A 160 3.69 -16.28 -31.49
N LYS A 161 4.19 -15.05 -31.37
CA LYS A 161 4.99 -14.67 -30.21
C LYS A 161 4.26 -14.87 -28.89
N TYR A 162 3.01 -14.45 -28.84
CA TYR A 162 2.23 -14.59 -27.62
C TYR A 162 2.02 -16.03 -27.18
N HIS A 163 2.22 -16.98 -28.11
CA HIS A 163 2.09 -18.40 -27.81
C HIS A 163 3.38 -18.97 -27.23
N LEU A 164 4.49 -18.30 -27.52
CA LEU A 164 5.78 -18.76 -27.02
C LEU A 164 5.81 -18.65 -25.51
N GLY A 165 6.04 -19.76 -24.83
CA GLY A 165 6.09 -19.73 -23.38
C GLY A 165 4.70 -19.70 -22.76
N ALA A 166 3.71 -20.18 -23.50
CA ALA A 166 2.33 -20.23 -23.02
C ALA A 166 1.75 -21.60 -23.29
N TYR A 167 0.70 -21.95 -22.54
CA TYR A 167 0.05 -23.25 -22.69
C TYR A 167 -0.98 -23.25 -23.81
N THR A 168 -1.42 -22.07 -24.23
CA THR A 168 -2.41 -21.96 -25.28
C THR A 168 -2.01 -22.67 -26.58
N GLY A 169 -2.96 -23.43 -27.14
CA GLY A 169 -2.71 -24.15 -28.37
C GLY A 169 -2.33 -23.19 -29.47
N ASP A 170 -1.33 -23.58 -30.26
CA ASP A 170 -0.85 -22.75 -31.37
C ASP A 170 -1.91 -22.31 -32.39
N ASP A 171 -2.92 -23.16 -32.61
CA ASP A 171 -4.02 -22.87 -33.53
C ASP A 171 -5.17 -22.06 -32.92
N VAL A 172 -5.01 -21.68 -31.66
CA VAL A 172 -6.04 -20.88 -30.97
C VAL A 172 -5.57 -19.43 -31.00
N ARG A 173 -6.30 -18.57 -31.70
CA ARG A 173 -5.92 -17.16 -31.80
C ARG A 173 -5.92 -16.42 -30.49
N ILE A 174 -4.85 -15.64 -30.27
CA ILE A 174 -4.72 -14.80 -29.08
C ILE A 174 -4.84 -13.36 -29.58
N VAL A 175 -4.05 -13.02 -30.59
CA VAL A 175 -4.10 -11.69 -31.21
C VAL A 175 -5.05 -11.89 -32.38
N ARG A 176 -6.19 -11.20 -32.36
CA ARG A 176 -7.20 -11.36 -33.41
C ARG A 176 -7.09 -10.41 -34.58
N ASP A 177 -7.89 -10.67 -35.61
CA ASP A 177 -7.86 -9.85 -36.82
C ASP A 177 -8.27 -8.39 -36.68
N ASP A 178 -8.95 -8.04 -35.59
CA ASP A 178 -9.32 -6.63 -35.41
C ASP A 178 -8.28 -5.94 -34.52
N MET A 179 -7.18 -6.63 -34.27
CA MET A 179 -6.09 -6.11 -33.45
C MET A 179 -4.83 -5.88 -34.27
N LEU A 180 -3.92 -5.09 -33.73
CA LEU A 180 -2.66 -4.75 -34.39
C LEU A 180 -1.57 -4.67 -33.32
N CYS A 181 -0.33 -5.01 -33.67
CA CYS A 181 0.78 -4.97 -32.71
C CYS A 181 1.96 -4.14 -33.15
N ALA A 182 2.72 -3.67 -32.16
CA ALA A 182 3.92 -2.86 -32.41
C ALA A 182 4.74 -2.84 -31.14
N GLY A 183 6.03 -2.50 -31.28
CA GLY A 183 6.90 -2.43 -30.12
C GLY A 183 7.82 -3.63 -29.90
N ASN A 184 8.76 -3.46 -28.99
CA ASN A 184 9.73 -4.50 -28.66
C ASN A 184 10.09 -4.44 -27.18
N THR A 185 11.18 -5.10 -26.80
CA THR A 185 11.61 -5.14 -25.40
C THR A 185 12.22 -3.85 -24.88
N ARG A 186 12.35 -2.87 -25.77
CA ARG A 186 12.91 -1.57 -25.41
C ARG A 186 11.86 -0.46 -25.49
N ARG A 187 10.98 -0.54 -26.48
CA ARG A 187 9.96 0.46 -26.72
C ARG A 187 8.55 -0.12 -26.75
N ASP A 188 7.64 0.48 -25.97
CA ASP A 188 6.28 -0.02 -25.89
C ASP A 188 5.34 0.97 -25.18
N SER A 189 4.05 0.66 -25.23
CA SER A 189 3.04 1.46 -24.55
C SER A 189 2.93 0.78 -23.19
N CYS A 190 2.16 1.33 -22.27
CA CYS A 190 2.03 0.71 -20.94
C CYS A 190 0.76 1.22 -20.25
N GLN A 191 0.43 0.65 -19.08
CA GLN A 191 -0.77 1.06 -18.34
C GLN A 191 -0.87 2.59 -18.27
N GLY A 192 -2.06 3.11 -18.55
CA GLY A 192 -2.24 4.56 -18.52
C GLY A 192 -2.14 5.19 -19.90
N ASP A 193 -1.60 4.45 -20.85
CA ASP A 193 -1.48 4.95 -22.23
C ASP A 193 -2.71 4.48 -23.02
N SER A 194 -3.45 3.54 -22.46
CA SER A 194 -4.65 2.97 -23.10
C SER A 194 -5.60 4.01 -23.64
N GLY A 195 -6.17 3.73 -24.81
CA GLY A 195 -7.10 4.65 -25.43
C GLY A 195 -6.36 5.65 -26.28
N GLY A 196 -5.05 5.76 -26.03
CA GLY A 196 -4.20 6.68 -26.78
C GLY A 196 -3.95 6.24 -28.21
N PRO A 197 -3.33 7.10 -29.03
CA PRO A 197 -3.05 6.80 -30.43
C PRO A 197 -1.68 6.22 -30.83
N LEU A 198 -1.71 5.45 -31.91
CA LEU A 198 -0.50 4.89 -32.53
C LEU A 198 -0.62 5.52 -33.92
N VAL A 199 0.24 6.48 -34.24
CA VAL A 199 0.17 7.13 -35.54
C VAL A 199 1.38 6.84 -36.41
N CYS A 200 1.15 6.73 -37.72
CA CYS A 200 2.22 6.45 -38.67
C CYS A 200 2.15 7.49 -39.80
N LYS A 201 3.26 8.14 -40.11
CA LYS A 201 3.25 9.12 -41.18
C LYS A 201 3.37 8.38 -42.51
N VAL A 202 2.26 8.29 -43.24
CA VAL A 202 2.22 7.61 -44.51
C VAL A 202 2.44 8.63 -45.62
N ASN A 203 3.52 8.43 -46.38
CA ASN A 203 3.86 9.34 -47.46
C ASN A 203 4.18 10.63 -46.71
N GLY A 204 3.24 11.56 -46.66
CA GLY A 204 3.48 12.80 -45.94
C GLY A 204 2.39 13.20 -44.96
N THR A 205 1.58 12.24 -44.52
CA THR A 205 0.50 12.56 -43.60
C THR A 205 0.44 11.61 -42.40
N TRP A 206 0.10 12.13 -41.23
CA TRP A 206 0.00 11.29 -40.05
C TRP A 206 -1.37 10.62 -40.01
N LEU A 207 -1.38 9.29 -39.98
CA LEU A 207 -2.62 8.54 -39.93
C LEU A 207 -2.67 7.71 -38.64
N GLN A 208 -3.81 7.69 -37.96
CA GLN A 208 -3.92 6.89 -36.74
C GLN A 208 -4.24 5.46 -37.12
N ALA A 209 -3.24 4.59 -36.96
CA ALA A 209 -3.36 3.17 -37.27
C ALA A 209 -4.00 2.37 -36.14
N GLY A 210 -3.75 2.78 -34.90
CA GLY A 210 -4.32 2.03 -33.79
C GLY A 210 -4.67 2.79 -32.53
N VAL A 211 -5.28 2.06 -31.60
CA VAL A 211 -5.66 2.60 -30.30
C VAL A 211 -5.06 1.67 -29.25
N VAL A 212 -4.24 2.22 -28.34
CA VAL A 212 -3.62 1.39 -27.31
C VAL A 212 -4.70 0.58 -26.59
N SER A 213 -4.59 -0.74 -26.65
CA SER A 213 -5.58 -1.62 -26.05
C SER A 213 -5.13 -2.50 -24.89
N TRP A 214 -4.16 -3.38 -25.13
CA TRP A 214 -3.70 -4.28 -24.08
C TRP A 214 -2.36 -4.96 -24.37
N GLY A 215 -1.97 -5.84 -23.45
CA GLY A 215 -0.73 -6.56 -23.61
C GLY A 215 -0.41 -7.31 -22.34
N GLU A 216 0.67 -8.08 -22.36
CA GLU A 216 1.08 -8.83 -21.20
C GLU A 216 2.34 -8.17 -20.65
N GLY A 217 2.19 -7.28 -19.68
CA GLY A 217 3.36 -6.60 -19.15
C GLY A 217 3.70 -5.52 -20.14
N CYS A 218 4.76 -4.76 -19.90
CA CYS A 218 5.17 -3.70 -20.82
C CYS A 218 6.59 -3.96 -21.28
N ALA A 219 6.78 -3.96 -22.60
CA ALA A 219 8.09 -4.20 -23.20
C ALA A 219 8.66 -5.54 -22.76
N GLN A 220 7.78 -6.53 -22.56
CA GLN A 220 8.18 -7.87 -22.15
C GLN A 220 8.53 -8.74 -23.37
N PRO A 221 9.56 -9.58 -23.26
CA PRO A 221 10.00 -10.46 -24.34
C PRO A 221 8.83 -11.26 -24.95
N ASN A 222 8.75 -11.30 -26.28
CA ASN A 222 7.70 -12.02 -26.99
C ASN A 222 6.29 -11.60 -26.61
N ARG A 223 6.14 -10.36 -26.16
CA ARG A 223 4.83 -9.84 -25.77
C ARG A 223 4.69 -8.38 -26.21
N PRO A 224 4.65 -8.13 -27.53
CA PRO A 224 4.51 -6.76 -28.01
C PRO A 224 3.15 -6.13 -27.67
N GLY A 225 3.11 -4.79 -27.69
CA GLY A 225 1.89 -4.08 -27.38
C GLY A 225 0.81 -4.36 -28.42
N ILE A 226 -0.43 -4.50 -27.97
CA ILE A 226 -1.54 -4.77 -28.86
C ILE A 226 -2.47 -3.56 -28.89
N TYR A 227 -2.88 -3.19 -30.10
CA TYR A 227 -3.76 -2.04 -30.33
C TYR A 227 -5.00 -2.49 -31.10
N THR A 228 -6.07 -1.70 -31.01
CA THR A 228 -7.27 -2.01 -31.77
C THR A 228 -6.96 -1.46 -33.16
N ARG A 229 -7.22 -2.23 -34.21
CA ARG A 229 -6.95 -1.81 -35.59
C ARG A 229 -8.04 -0.84 -36.07
N VAL A 230 -7.68 0.44 -36.25
CA VAL A 230 -8.64 1.45 -36.68
C VAL A 230 -9.39 1.14 -37.97
N THR A 231 -8.68 0.70 -39.00
CA THR A 231 -9.34 0.40 -40.29
C THR A 231 -10.43 -0.64 -40.12
N TYR A 232 -10.28 -1.52 -39.12
CA TYR A 232 -11.29 -2.54 -38.90
C TYR A 232 -12.64 -1.95 -38.45
N TYR A 233 -12.59 -0.82 -37.76
CA TYR A 233 -13.83 -0.21 -37.26
C TYR A 233 -14.19 1.16 -37.86
N LEU A 234 -13.65 1.43 -39.05
CA LEU A 234 -13.91 2.68 -39.73
C LEU A 234 -15.41 2.89 -39.99
N ASP A 235 -16.11 1.84 -40.42
CA ASP A 235 -17.54 1.97 -40.69
C ASP A 235 -18.34 2.34 -39.44
N TRP A 236 -18.02 1.70 -38.32
CA TRP A 236 -18.71 1.98 -37.07
C TRP A 236 -18.42 3.43 -36.66
N ILE A 237 -17.16 3.83 -36.78
CA ILE A 237 -16.77 5.19 -36.41
C ILE A 237 -17.55 6.22 -37.22
N HIS A 238 -17.51 6.08 -38.54
CA HIS A 238 -18.19 7.02 -39.43
C HIS A 238 -19.71 6.95 -39.34
N HIS A 239 -20.21 6.07 -38.47
CA HIS A 239 -21.64 5.95 -38.30
C HIS A 239 -22.10 7.06 -37.35
N TYR A 240 -21.16 7.57 -36.56
CA TYR A 240 -21.43 8.61 -35.59
C TYR A 240 -20.62 9.88 -35.85
N VAL A 241 -19.41 9.72 -36.37
CA VAL A 241 -18.54 10.85 -36.64
C VAL A 241 -18.61 11.36 -38.08
N PRO A 242 -19.02 12.62 -38.26
CA PRO A 242 -19.13 13.24 -39.59
C PRO A 242 -17.79 13.14 -40.31
N LYS A 243 -17.80 12.72 -41.58
CA LYS A 243 -16.55 12.60 -42.32
C LYS A 243 -16.07 13.92 -42.91
N ILE B 1 -0.67 21.59 4.52
CA ILE B 1 -1.51 22.66 5.12
C ILE B 1 -2.99 22.26 5.15
N VAL B 2 -3.58 22.26 6.34
CA VAL B 2 -5.00 21.92 6.52
C VAL B 2 -5.82 23.22 6.53
N GLY B 3 -6.86 23.27 5.70
CA GLY B 3 -7.67 24.48 5.62
C GLY B 3 -6.97 25.50 4.73
N GLY B 4 -7.27 26.78 4.88
CA GLY B 4 -6.62 27.79 4.08
C GLY B 4 -6.79 27.60 2.59
N GLN B 5 -5.92 28.23 1.81
CA GLN B 5 -6.01 28.11 0.36
C GLN B 5 -4.68 28.28 -0.35
N GLU B 6 -4.74 28.33 -1.68
CA GLU B 6 -3.56 28.49 -2.52
C GLU B 6 -2.99 29.88 -2.30
N ALA B 7 -1.68 29.94 -2.13
CA ALA B 7 -1.04 31.24 -1.89
C ALA B 7 -0.81 32.06 -3.17
N PRO B 8 -1.02 33.39 -3.08
CA PRO B 8 -0.82 34.28 -4.23
C PRO B 8 0.65 34.21 -4.63
N ARG B 9 0.94 34.41 -5.91
CA ARG B 9 2.31 34.36 -6.41
C ARG B 9 3.30 35.33 -5.74
N SER B 10 2.80 36.45 -5.26
CA SER B 10 3.66 37.45 -4.63
C SER B 10 3.95 37.22 -3.15
N LYS B 11 3.17 36.37 -2.50
CA LYS B 11 3.36 36.12 -1.08
C LYS B 11 4.42 35.07 -0.75
N TRP B 12 4.95 35.17 0.46
CA TRP B 12 5.94 34.22 0.98
C TRP B 12 7.14 33.97 0.07
N PRO B 13 7.86 35.04 -0.32
CA PRO B 13 9.02 34.93 -1.21
C PRO B 13 10.18 34.10 -0.63
N TRP B 14 10.13 33.88 0.69
CA TRP B 14 11.16 33.13 1.39
C TRP B 14 10.92 31.62 1.50
N GLN B 15 9.74 31.16 1.09
CA GLN B 15 9.44 29.72 1.18
C GLN B 15 10.34 28.87 0.31
N VAL B 16 10.79 27.74 0.83
CA VAL B 16 11.63 26.84 0.08
C VAL B 16 11.15 25.40 0.25
N SER B 17 11.53 24.55 -0.69
CA SER B 17 11.16 23.15 -0.66
C SER B 17 12.40 22.27 -0.62
N LEU B 18 12.44 21.32 0.31
CA LEU B 18 13.58 20.42 0.41
C LEU B 18 13.28 19.16 -0.41
N ARG B 19 14.22 18.76 -1.25
CA ARG B 19 14.05 17.60 -2.12
C ARG B 19 15.03 16.46 -1.84
N VAL B 20 14.52 15.23 -1.90
CA VAL B 20 15.37 14.05 -1.67
C VAL B 20 15.48 13.32 -3.00
N HIS B 21 16.66 12.78 -3.26
CA HIS B 21 16.91 12.06 -4.50
C HIS B 21 16.13 10.76 -4.61
N GLY B 22 15.82 10.37 -5.84
CA GLY B 22 15.08 9.13 -6.08
C GLY B 22 14.55 9.13 -7.49
N PRO B 23 13.41 8.46 -7.76
CA PRO B 23 12.83 8.43 -9.10
C PRO B 23 12.72 9.85 -9.67
N TYR B 24 12.52 10.81 -8.77
CA TYR B 24 12.43 12.24 -9.11
C TYR B 24 12.76 12.98 -7.82
N TRP B 25 13.17 14.24 -7.93
CA TRP B 25 13.50 15.00 -6.72
C TRP B 25 12.24 15.38 -5.96
N MET B 26 11.83 14.47 -5.10
CA MET B 26 10.61 14.61 -4.31
C MET B 26 10.70 15.51 -3.08
N HIS B 27 9.63 16.29 -2.87
CA HIS B 27 9.52 17.20 -1.74
C HIS B 27 9.24 16.39 -0.47
N PHE B 28 9.99 16.67 0.59
CA PHE B 28 9.77 15.98 1.87
C PHE B 28 9.64 16.96 3.04
N CYS B 29 10.16 18.17 2.89
CA CYS B 29 10.06 19.17 3.96
C CYS B 29 10.14 20.60 3.46
N GLY B 30 9.73 21.52 4.32
CA GLY B 30 9.77 22.92 3.97
C GLY B 30 11.00 23.58 4.57
N GLY B 31 11.09 24.89 4.38
CA GLY B 31 12.21 25.65 4.90
C GLY B 31 11.99 27.11 4.54
N SER B 32 12.91 27.98 4.92
CA SER B 32 12.79 29.41 4.62
C SER B 32 14.16 30.02 4.39
N LEU B 33 14.23 30.97 3.46
CA LEU B 33 15.47 31.66 3.16
C LEU B 33 15.69 32.78 4.19
N ILE B 34 16.78 32.73 4.93
CA ILE B 34 17.03 33.78 5.93
C ILE B 34 18.30 34.57 5.61
N HIS B 35 18.94 34.19 4.51
CA HIS B 35 20.17 34.83 4.08
C HIS B 35 20.40 34.25 2.69
N PRO B 36 21.02 35.03 1.78
CA PRO B 36 21.28 34.55 0.41
C PRO B 36 21.98 33.21 0.31
N GLN B 37 22.63 32.79 1.40
CA GLN B 37 23.36 31.53 1.41
C GLN B 37 22.85 30.55 2.46
N TRP B 38 21.81 30.93 3.20
CA TRP B 38 21.29 30.06 4.26
C TRP B 38 19.80 29.82 4.32
N VAL B 39 19.45 28.56 4.58
CA VAL B 39 18.06 28.13 4.70
C VAL B 39 17.78 27.63 6.13
N LEU B 40 16.69 28.10 6.73
CA LEU B 40 16.32 27.66 8.07
C LEU B 40 15.26 26.56 7.90
N THR B 41 15.38 25.49 8.68
CA THR B 41 14.42 24.37 8.61
C THR B 41 14.36 23.60 9.94
N ALA B 42 13.68 22.46 9.95
CA ALA B 42 13.55 21.66 11.16
C ALA B 42 14.60 20.55 11.19
N ALA B 43 15.16 20.31 12.38
CA ALA B 43 16.17 19.27 12.54
C ALA B 43 15.66 17.87 12.19
N HIS B 44 14.40 17.58 12.51
CA HIS B 44 13.87 16.25 12.24
C HIS B 44 13.76 15.94 10.76
N CYS B 45 13.86 16.98 9.92
CA CYS B 45 13.80 16.78 8.47
C CYS B 45 15.14 16.27 7.93
N VAL B 46 16.21 16.51 8.69
CA VAL B 46 17.55 16.10 8.27
C VAL B 46 18.34 15.34 9.33
N GLY B 47 17.73 15.11 10.49
CA GLY B 47 18.42 14.41 11.55
C GLY B 47 17.51 13.49 12.34
N PRO B 48 17.95 13.01 13.51
CA PRO B 48 19.25 13.27 14.13
C PRO B 48 20.46 12.60 13.49
N ASP B 49 20.23 11.60 12.64
CA ASP B 49 21.34 10.91 12.00
C ASP B 49 21.88 11.61 10.76
N VAL B 50 23.20 11.60 10.63
CA VAL B 50 23.87 12.23 9.49
C VAL B 50 23.56 11.51 8.18
N LYS B 51 23.04 12.26 7.23
CA LYS B 51 22.71 11.70 5.93
C LYS B 51 23.60 12.33 4.86
N ASP B 52 23.69 11.70 3.69
CA ASP B 52 24.53 12.20 2.61
C ASP B 52 24.03 13.49 1.94
N LEU B 53 24.87 14.53 1.97
CA LEU B 53 24.55 15.82 1.38
C LEU B 53 24.12 15.74 -0.08
N ALA B 54 24.81 14.88 -0.84
CA ALA B 54 24.53 14.69 -2.24
C ALA B 54 23.06 14.38 -2.53
N ALA B 55 22.42 13.65 -1.63
CA ALA B 55 21.02 13.26 -1.78
C ALA B 55 20.03 14.38 -1.44
N LEU B 56 20.54 15.58 -1.16
CA LEU B 56 19.67 16.71 -0.82
C LEU B 56 19.77 17.89 -1.77
N ARG B 57 18.62 18.49 -2.10
CA ARG B 57 18.59 19.67 -2.97
C ARG B 57 17.56 20.66 -2.46
N VAL B 58 17.75 21.93 -2.77
CA VAL B 58 16.84 22.98 -2.32
C VAL B 58 16.17 23.67 -3.52
N GLN B 59 14.87 23.93 -3.39
CA GLN B 59 14.10 24.62 -4.44
C GLN B 59 13.53 25.90 -3.81
N LEU B 60 13.87 27.05 -4.41
CA LEU B 60 13.39 28.35 -3.92
C LEU B 60 11.92 28.54 -4.31
N ARG B 61 11.32 29.63 -3.83
CA ARG B 61 9.90 29.92 -4.09
C ARG B 61 9.43 29.52 -5.48
N GLU B 62 8.43 28.64 -5.49
CA GLU B 62 7.84 28.09 -6.71
C GLU B 62 6.34 28.15 -6.47
N GLN B 63 5.55 28.39 -7.52
CA GLN B 63 4.09 28.44 -7.35
C GLN B 63 3.57 27.00 -7.28
N HIS B 64 4.16 26.12 -8.09
CA HIS B 64 3.78 24.71 -8.09
C HIS B 64 5.05 23.85 -8.07
N LEU B 65 5.02 22.77 -7.29
CA LEU B 65 6.16 21.87 -7.20
C LEU B 65 6.44 21.12 -8.49
N TYR B 66 7.72 20.95 -8.79
CA TYR B 66 8.17 20.19 -9.95
C TYR B 66 8.05 20.82 -11.33
N TYR B 67 7.08 21.71 -11.53
CA TYR B 67 6.86 22.31 -12.83
C TYR B 67 7.92 23.27 -13.38
N GLN B 68 8.58 24.02 -12.49
CA GLN B 68 9.60 24.96 -12.93
C GLN B 68 10.88 24.84 -12.10
N ASP B 69 11.22 23.62 -11.73
CA ASP B 69 12.38 23.38 -10.88
C ASP B 69 13.74 23.91 -11.36
N GLN B 70 14.51 24.36 -10.39
CA GLN B 70 15.86 24.87 -10.57
C GLN B 70 16.48 24.51 -9.22
N LEU B 71 16.89 23.25 -9.10
CA LEU B 71 17.43 22.74 -7.85
C LEU B 71 18.83 23.21 -7.47
N LEU B 72 19.02 23.57 -6.21
CA LEU B 72 20.31 24.04 -5.73
C LEU B 72 20.92 23.06 -4.72
N PRO B 73 22.21 22.70 -4.93
CA PRO B 73 22.92 21.78 -4.04
C PRO B 73 23.28 22.47 -2.71
N VAL B 74 23.53 21.67 -1.69
CA VAL B 74 23.87 22.16 -0.35
C VAL B 74 25.33 21.85 -0.03
N SER B 75 26.01 22.77 0.66
CA SER B 75 27.41 22.52 1.02
C SER B 75 27.55 22.06 2.48
N ARG B 76 26.62 22.48 3.34
CA ARG B 76 26.66 22.09 4.75
C ARG B 76 25.26 21.93 5.36
N ILE B 77 25.14 20.96 6.26
CA ILE B 77 23.91 20.72 6.99
C ILE B 77 24.35 20.86 8.45
N ILE B 78 23.76 21.80 9.18
CA ILE B 78 24.13 21.96 10.57
C ILE B 78 22.87 21.88 11.45
N VAL B 79 22.88 20.91 12.36
CA VAL B 79 21.74 20.63 13.23
C VAL B 79 22.04 20.97 14.70
N HIS B 80 21.07 21.58 15.38
CA HIS B 80 21.29 21.94 16.77
C HIS B 80 21.73 20.71 17.53
N PRO B 81 22.88 20.79 18.22
CA PRO B 81 23.43 19.67 18.98
C PRO B 81 22.52 19.10 20.07
N GLN B 82 21.54 19.87 20.51
CA GLN B 82 20.63 19.38 21.54
C GLN B 82 19.52 18.50 20.98
N PHE B 83 19.42 18.47 19.66
CA PHE B 83 18.35 17.70 19.04
C PHE B 83 18.47 16.19 18.96
N TYR B 84 17.36 15.51 19.24
CA TYR B 84 17.25 14.07 19.06
C TYR B 84 15.83 13.74 18.61
N THR B 85 14.82 14.36 19.23
CA THR B 85 13.43 14.18 18.80
C THR B 85 12.67 15.50 18.95
N ALA B 86 11.62 15.67 18.17
CA ALA B 86 10.83 16.89 18.21
C ALA B 86 10.10 17.07 19.53
N GLN B 87 9.73 15.97 20.16
CA GLN B 87 9.03 16.06 21.45
C GLN B 87 9.97 16.56 22.56
N ILE B 88 11.26 16.27 22.44
CA ILE B 88 12.19 16.75 23.45
C ILE B 88 12.51 18.21 23.20
N GLY B 89 12.70 18.59 21.94
CA GLY B 89 12.98 19.98 21.63
C GLY B 89 14.21 20.24 20.75
N ALA B 90 14.51 21.53 20.55
CA ALA B 90 15.65 21.97 19.75
C ALA B 90 15.51 21.47 18.31
N ASP B 91 14.26 21.39 17.85
CA ASP B 91 13.97 20.93 16.51
C ASP B 91 14.24 22.06 15.52
N ILE B 92 15.52 22.29 15.23
CA ILE B 92 15.91 23.36 14.33
C ILE B 92 17.25 23.05 13.66
N ALA B 93 17.43 23.49 12.43
CA ALA B 93 18.67 23.25 11.69
C ALA B 93 18.92 24.29 10.59
N LEU B 94 20.13 24.29 10.04
CA LEU B 94 20.51 25.23 8.99
C LEU B 94 21.13 24.53 7.80
N LEU B 95 20.86 25.04 6.60
CA LEU B 95 21.45 24.48 5.38
C LEU B 95 22.19 25.61 4.68
N GLU B 96 23.47 25.42 4.39
CA GLU B 96 24.22 26.45 3.66
C GLU B 96 24.30 26.00 2.20
N LEU B 97 23.90 26.89 1.29
CA LEU B 97 23.92 26.57 -0.14
C LEU B 97 25.34 26.71 -0.68
N GLU B 98 25.64 26.04 -1.78
CA GLU B 98 26.97 26.12 -2.40
C GLU B 98 27.26 27.48 -3.00
N GLU B 99 26.20 28.25 -3.24
CA GLU B 99 26.35 29.59 -3.81
C GLU B 99 25.28 30.51 -3.21
N PRO B 100 25.56 31.82 -3.18
CA PRO B 100 24.60 32.80 -2.65
C PRO B 100 23.54 32.98 -3.73
N VAL B 101 22.27 33.08 -3.35
CA VAL B 101 21.23 33.26 -4.36
C VAL B 101 21.01 34.75 -4.61
N LYS B 102 20.49 35.10 -5.78
CA LYS B 102 20.21 36.49 -6.09
C LYS B 102 18.79 36.76 -5.57
N VAL B 103 18.59 37.88 -4.90
CA VAL B 103 17.28 38.20 -4.36
C VAL B 103 16.49 39.17 -5.22
N SER B 104 15.18 39.14 -5.06
CA SER B 104 14.27 40.00 -5.82
C SER B 104 12.93 40.00 -5.10
N SER B 105 11.96 40.71 -5.65
CA SER B 105 10.65 40.76 -5.01
C SER B 105 9.98 39.38 -5.05
N HIS B 106 10.44 38.50 -5.93
CA HIS B 106 9.83 37.18 -6.02
C HIS B 106 10.54 36.15 -5.15
N VAL B 107 11.80 36.41 -4.83
CA VAL B 107 12.59 35.51 -4.00
C VAL B 107 13.54 36.30 -3.11
N HIS B 108 13.27 36.34 -1.81
CA HIS B 108 14.15 37.02 -0.86
C HIS B 108 13.98 36.48 0.56
N THR B 109 14.82 36.96 1.48
CA THR B 109 14.79 36.48 2.86
C THR B 109 13.65 36.93 3.76
N VAL B 110 13.40 36.14 4.80
CA VAL B 110 12.38 36.50 5.79
C VAL B 110 13.14 37.10 6.97
N THR B 111 12.50 38.00 7.72
CA THR B 111 13.19 38.62 8.84
C THR B 111 12.97 37.87 10.15
N LEU B 112 14.06 37.65 10.89
CA LEU B 112 13.99 36.96 12.17
C LEU B 112 13.52 37.96 13.24
N PRO B 113 12.75 37.49 14.22
CA PRO B 113 12.25 38.36 15.29
C PRO B 113 13.31 38.71 16.33
N PRO B 114 13.11 39.85 17.02
CA PRO B 114 14.08 40.26 18.04
C PRO B 114 13.83 39.35 19.24
N ALA B 115 14.89 39.08 20.00
CA ALA B 115 14.81 38.20 21.16
C ALA B 115 13.62 38.40 22.10
N SER B 116 13.15 39.63 22.25
CA SER B 116 12.05 39.91 23.15
C SER B 116 10.62 39.68 22.65
N GLU B 117 10.45 39.41 21.36
CA GLU B 117 9.10 39.18 20.83
C GLU B 117 8.49 37.87 21.30
N THR B 118 7.29 37.95 21.89
CA THR B 118 6.61 36.77 22.41
C THR B 118 5.49 36.20 21.53
N PHE B 119 4.99 36.99 20.59
CA PHE B 119 3.92 36.53 19.70
C PHE B 119 2.75 35.99 20.54
N PRO B 120 1.99 36.88 21.18
CA PRO B 120 0.84 36.49 22.02
C PRO B 120 -0.41 36.14 21.22
N PRO B 121 -1.40 35.54 21.88
CA PRO B 121 -2.65 35.16 21.20
C PRO B 121 -3.26 36.43 20.60
N GLY B 122 -3.89 36.30 19.44
CA GLY B 122 -4.50 37.45 18.81
C GLY B 122 -3.60 37.99 17.71
N MET B 123 -2.36 37.56 17.72
CA MET B 123 -1.38 37.98 16.73
C MET B 123 -1.76 37.33 15.39
N PRO B 124 -1.78 38.11 14.30
CA PRO B 124 -2.13 37.58 12.98
C PRO B 124 -0.94 36.82 12.39
N CYS B 125 -1.01 35.49 12.38
CA CYS B 125 0.09 34.68 11.86
C CYS B 125 -0.37 33.66 10.81
N TRP B 126 0.53 33.33 9.89
CA TRP B 126 0.27 32.36 8.82
C TRP B 126 1.35 31.29 8.73
N VAL B 127 0.97 30.09 8.29
CA VAL B 127 1.92 29.00 8.10
C VAL B 127 1.74 28.56 6.65
N THR B 128 2.84 28.21 5.99
CA THR B 128 2.79 27.83 4.59
C THR B 128 3.57 26.57 4.26
N GLY B 129 3.18 25.90 3.19
CA GLY B 129 3.87 24.68 2.78
C GLY B 129 3.11 23.86 1.77
N TRP B 130 3.76 22.80 1.31
CA TRP B 130 3.19 21.88 0.32
C TRP B 130 2.86 20.55 0.99
N GLY B 131 2.64 20.57 2.31
CA GLY B 131 2.33 19.35 3.05
C GLY B 131 0.91 18.86 2.84
N ASP B 132 0.57 17.74 3.49
CA ASP B 132 -0.75 17.15 3.37
C ASP B 132 -1.84 18.15 3.72
N VAL B 133 -3.00 17.99 3.09
CA VAL B 133 -4.13 18.89 3.31
C VAL B 133 -5.01 18.38 4.43
N ASP B 134 -4.69 17.19 4.95
CA ASP B 134 -5.44 16.59 6.04
C ASP B 134 -4.72 15.29 6.42
N ASN B 135 -5.11 14.69 7.53
CA ASN B 135 -4.51 13.44 7.99
C ASN B 135 -4.58 12.38 6.90
N ASP B 136 -3.44 11.83 6.52
CA ASP B 136 -3.40 10.78 5.49
C ASP B 136 -3.83 11.26 4.11
N GLU B 137 -4.01 12.56 3.91
CA GLU B 137 -4.43 13.08 2.62
C GLU B 137 -3.37 14.04 2.03
N ARG B 138 -2.68 13.56 1.00
CA ARG B 138 -1.62 14.35 0.37
C ARG B 138 -2.12 15.48 -0.50
N LEU B 139 -1.25 16.48 -0.70
CA LEU B 139 -1.59 17.61 -1.56
C LEU B 139 -1.63 17.06 -2.98
N PRO B 140 -2.78 17.19 -3.65
CA PRO B 140 -2.89 16.67 -5.03
C PRO B 140 -2.26 17.59 -6.07
N PRO B 141 -1.85 17.01 -7.23
CA PRO B 141 -1.26 17.86 -8.26
C PRO B 141 -2.29 18.91 -8.65
N PRO B 142 -1.84 20.05 -9.21
CA PRO B 142 -0.47 20.45 -9.53
C PRO B 142 0.41 20.91 -8.36
N PHE B 143 0.05 20.52 -7.14
CA PHE B 143 0.85 20.85 -5.96
C PHE B 143 1.05 22.35 -5.68
N PRO B 144 -0.05 23.09 -5.48
CA PRO B 144 0.11 24.51 -5.21
C PRO B 144 0.60 24.81 -3.79
N LEU B 145 1.36 25.89 -3.65
CA LEU B 145 1.84 26.29 -2.33
C LEU B 145 0.60 26.78 -1.58
N LYS B 146 0.33 26.20 -0.42
CA LYS B 146 -0.83 26.60 0.38
C LYS B 146 -0.45 27.46 1.57
N GLN B 147 -1.43 28.21 2.07
CA GLN B 147 -1.26 29.10 3.21
C GLN B 147 -2.52 29.04 4.05
N VAL B 148 -2.39 29.31 5.35
CA VAL B 148 -3.53 29.31 6.25
C VAL B 148 -3.23 30.14 7.49
N LYS B 149 -4.19 30.99 7.87
CA LYS B 149 -4.03 31.83 9.04
C LYS B 149 -4.33 30.97 10.27
N VAL B 150 -3.42 30.93 11.24
CA VAL B 150 -3.62 30.13 12.44
C VAL B 150 -3.57 30.97 13.71
N PRO B 151 -4.47 30.68 14.67
CA PRO B 151 -4.52 31.42 15.93
C PRO B 151 -3.45 30.94 16.92
N ILE B 152 -2.70 31.89 17.47
CA ILE B 152 -1.67 31.56 18.47
C ILE B 152 -2.36 31.30 19.81
N MET B 153 -1.81 30.35 20.56
CA MET B 153 -2.33 29.97 21.88
C MET B 153 -1.17 29.95 22.85
N GLU B 154 -1.35 30.50 24.05
CA GLU B 154 -0.27 30.54 25.05
C GLU B 154 0.21 29.11 25.38
N ASN B 155 1.52 28.95 25.57
CA ASN B 155 2.10 27.64 25.86
C ASN B 155 1.40 26.89 27.01
N HIS B 156 1.17 27.58 28.13
CA HIS B 156 0.52 26.95 29.28
C HIS B 156 -0.87 26.38 28.93
N ILE B 157 -1.64 27.12 28.13
CA ILE B 157 -2.97 26.66 27.74
C ILE B 157 -2.83 25.43 26.84
N CYS B 158 -1.93 25.54 25.87
CA CYS B 158 -1.65 24.47 24.92
C CYS B 158 -1.21 23.21 25.67
N ASP B 159 -0.29 23.36 26.62
CA ASP B 159 0.20 22.22 27.40
C ASP B 159 -0.96 21.55 28.13
N ALA B 160 -1.87 22.35 28.68
CA ALA B 160 -3.02 21.81 29.39
C ALA B 160 -3.89 20.99 28.41
N LYS B 161 -4.08 21.52 27.20
CA LYS B 161 -4.88 20.80 26.21
C LYS B 161 -4.29 19.45 25.85
N TYR B 162 -2.97 19.40 25.66
CA TYR B 162 -2.31 18.16 25.31
C TYR B 162 -2.43 17.11 26.40
N HIS B 163 -2.73 17.54 27.63
CA HIS B 163 -2.89 16.60 28.74
C HIS B 163 -4.31 16.03 28.80
N LEU B 164 -5.27 16.70 28.16
CA LEU B 164 -6.65 16.24 28.16
C LEU B 164 -6.75 14.96 27.34
N GLY B 165 -7.29 13.90 27.94
CA GLY B 165 -7.42 12.64 27.23
C GLY B 165 -6.12 11.86 27.18
N ALA B 166 -5.18 12.19 28.05
CA ALA B 166 -3.89 11.51 28.11
C ALA B 166 -3.58 11.03 29.52
N TYR B 167 -2.76 9.99 29.62
CA TYR B 167 -2.38 9.43 30.91
C TYR B 167 -1.28 10.25 31.60
N THR B 168 -0.53 11.00 30.79
CA THR B 168 0.58 11.80 31.28
C THR B 168 0.22 12.71 32.46
N GLY B 169 1.03 12.66 33.52
CA GLY B 169 0.77 13.49 34.69
C GLY B 169 0.67 14.97 34.34
N ASP B 170 -0.29 15.66 34.95
CA ASP B 170 -0.47 17.08 34.65
C ASP B 170 0.77 17.95 34.85
N ASP B 171 1.61 17.60 35.84
CA ASP B 171 2.81 18.38 36.11
C ASP B 171 4.00 17.99 35.24
N VAL B 172 3.79 17.06 34.31
CA VAL B 172 4.86 16.66 33.41
C VAL B 172 4.65 17.44 32.12
N ARG B 173 5.42 18.49 31.94
CA ARG B 173 5.27 19.37 30.78
C ARG B 173 5.46 18.69 29.43
N ILE B 174 4.49 18.88 28.55
CA ILE B 174 4.52 18.33 27.21
C ILE B 174 4.94 19.40 26.19
N VAL B 175 4.25 20.55 26.19
CA VAL B 175 4.61 21.65 25.30
C VAL B 175 5.69 22.43 26.05
N ARG B 176 6.92 22.35 25.56
CA ARG B 176 8.04 23.00 26.23
C ARG B 176 8.29 24.46 25.91
N ASP B 177 9.14 25.08 26.73
CA ASP B 177 9.46 26.49 26.61
C ASP B 177 10.09 26.95 25.30
N ASP B 178 10.78 26.05 24.62
CA ASP B 178 11.41 26.39 23.35
C ASP B 178 10.43 26.08 22.22
N MET B 179 9.16 25.89 22.57
CA MET B 179 8.11 25.59 21.61
C MET B 179 7.04 26.67 21.57
N LEU B 180 6.18 26.60 20.55
CA LEU B 180 5.08 27.56 20.34
C LEU B 180 3.91 26.86 19.67
N CYS B 181 2.68 27.15 20.12
CA CYS B 181 1.49 26.53 19.55
C CYS B 181 0.61 27.44 18.72
N ALA B 182 0.01 26.88 17.69
CA ALA B 182 -0.89 27.61 16.80
C ALA B 182 -1.82 26.63 16.07
N GLY B 183 -2.99 27.13 15.67
CA GLY B 183 -3.94 26.32 14.95
C GLY B 183 -5.12 25.81 15.76
N ASN B 184 -6.09 25.21 15.07
CA ASN B 184 -7.27 24.63 15.70
C ASN B 184 -7.75 23.44 14.88
N THR B 185 -9.03 23.10 15.01
CA THR B 185 -9.59 21.96 14.29
C THR B 185 -9.93 22.24 12.82
N ARG B 186 -9.59 23.42 12.32
CA ARG B 186 -9.86 23.75 10.92
C ARG B 186 -8.64 24.32 10.21
N ARG B 187 -7.72 24.88 10.97
CA ARG B 187 -6.51 25.49 10.42
C ARG B 187 -5.28 24.92 11.14
N ASP B 188 -4.36 24.34 10.38
CA ASP B 188 -3.16 23.75 10.98
C ASP B 188 -2.14 23.38 9.91
N SER B 189 -0.95 23.00 10.38
CA SER B 189 0.12 22.54 9.51
C SER B 189 -0.06 21.02 9.53
N CYS B 190 0.65 20.30 8.67
CA CYS B 190 0.54 18.85 8.66
C CYS B 190 1.83 18.24 8.13
N GLN B 191 1.92 16.91 8.08
CA GLN B 191 3.14 16.26 7.57
C GLN B 191 3.48 16.85 6.21
N GLY B 192 4.75 17.14 6.01
CA GLY B 192 5.16 17.72 4.74
C GLY B 192 5.42 19.21 4.88
N ASP B 193 4.80 19.84 5.88
CA ASP B 193 5.00 21.27 6.12
C ASP B 193 6.16 21.47 7.09
N SER B 194 6.61 20.39 7.71
CA SER B 194 7.73 20.43 8.66
C SER B 194 8.92 21.21 8.12
N GLY B 195 9.54 21.98 9.00
CA GLY B 195 10.70 22.77 8.59
C GLY B 195 10.31 24.10 7.99
N GLY B 196 9.03 24.21 7.62
CA GLY B 196 8.49 25.42 7.02
C GLY B 196 8.29 26.54 8.03
N PRO B 197 7.99 27.76 7.54
CA PRO B 197 7.80 28.91 8.42
C PRO B 197 6.39 29.25 8.88
N LEU B 198 6.33 29.79 10.08
CA LEU B 198 5.10 30.30 10.69
C LEU B 198 5.53 31.76 10.81
N VAL B 199 4.88 32.65 10.07
CA VAL B 199 5.23 34.06 10.10
C VAL B 199 4.10 34.94 10.62
N CYS B 200 4.48 35.97 11.37
CA CYS B 200 3.51 36.92 11.93
C CYS B 200 3.88 38.35 11.52
N LYS B 201 2.87 39.13 11.19
CA LYS B 201 3.06 40.52 10.77
C LYS B 201 3.13 41.40 12.03
N VAL B 202 4.31 41.95 12.30
CA VAL B 202 4.49 42.80 13.47
C VAL B 202 4.96 44.19 13.06
N ASN B 203 4.18 45.20 13.41
CA ASN B 203 4.51 46.58 13.06
C ASN B 203 4.85 46.70 11.57
N GLY B 204 3.99 46.13 10.73
CA GLY B 204 4.18 46.21 9.30
C GLY B 204 5.24 45.33 8.66
N THR B 205 5.90 44.47 9.43
CA THR B 205 6.93 43.59 8.88
C THR B 205 6.67 42.12 9.25
N TRP B 206 6.99 41.21 8.33
CA TRP B 206 6.79 39.79 8.59
C TRP B 206 7.99 39.25 9.35
N LEU B 207 7.72 38.59 10.48
CA LEU B 207 8.77 38.01 11.30
C LEU B 207 8.47 36.52 11.44
N GLN B 208 9.48 35.67 11.29
CA GLN B 208 9.26 34.24 11.44
C GLN B 208 9.29 33.87 12.91
N ALA B 209 8.10 33.61 13.44
CA ALA B 209 7.93 33.24 14.84
C ALA B 209 8.27 31.79 15.12
N GLY B 210 8.07 30.91 14.14
CA GLY B 210 8.36 29.51 14.38
C GLY B 210 8.72 28.65 13.18
N VAL B 211 9.04 27.39 13.46
CA VAL B 211 9.38 26.42 12.42
C VAL B 211 8.44 25.24 12.66
N VAL B 212 7.72 24.83 11.63
CA VAL B 212 6.80 23.71 11.74
C VAL B 212 7.56 22.54 12.31
N SER B 213 7.17 22.07 13.50
CA SER B 213 7.87 20.98 14.16
C SER B 213 7.10 19.66 14.30
N TRP B 214 6.05 19.67 15.11
CA TRP B 214 5.28 18.44 15.31
C TRP B 214 3.86 18.69 15.81
N GLY B 215 3.22 17.61 16.28
CA GLY B 215 1.87 17.67 16.80
C GLY B 215 1.23 16.30 16.71
N GLU B 216 0.14 16.08 17.44
CA GLU B 216 -0.52 14.78 17.41
C GLU B 216 -1.61 14.82 16.35
N GLY B 217 -1.27 14.35 15.16
CA GLY B 217 -2.25 14.39 14.09
C GLY B 217 -2.28 15.81 13.58
N CYS B 218 -3.22 16.11 12.71
CA CYS B 218 -3.36 17.44 12.15
C CYS B 218 -4.79 17.95 12.37
N ALA B 219 -4.90 19.15 12.95
CA ALA B 219 -6.21 19.76 13.22
C ALA B 219 -7.11 18.88 14.08
N GLN B 220 -6.51 18.14 15.01
CA GLN B 220 -7.26 17.27 15.90
C GLN B 220 -7.64 18.00 17.19
N PRO B 221 -8.84 17.73 17.73
CA PRO B 221 -9.34 18.36 18.97
C PRO B 221 -8.33 18.32 20.11
N ASN B 222 -8.15 19.44 20.80
CA ASN B 222 -7.23 19.55 21.91
C ASN B 222 -5.78 19.21 21.56
N ARG B 223 -5.43 19.34 20.29
CA ARG B 223 -4.07 19.03 19.86
C ARG B 223 -3.56 20.01 18.80
N PRO B 224 -3.36 21.27 19.18
CA PRO B 224 -2.87 22.27 18.23
C PRO B 224 -1.48 21.94 17.70
N GLY B 225 -1.13 22.55 16.57
CA GLY B 225 0.17 22.33 15.97
C GLY B 225 1.27 22.93 16.80
N ILE B 226 2.42 22.27 16.81
CA ILE B 226 3.56 22.75 17.58
C ILE B 226 4.71 23.17 16.67
N TYR B 227 5.35 24.28 17.05
CA TYR B 227 6.44 24.86 16.29
C TYR B 227 7.63 25.14 17.20
N THR B 228 8.81 25.17 16.60
CA THR B 228 10.02 25.49 17.34
C THR B 228 10.01 27.01 17.45
N ARG B 229 10.18 27.53 18.65
CA ARG B 229 10.17 28.98 18.90
C ARG B 229 11.51 29.58 18.45
N VAL B 230 11.49 30.30 17.34
CA VAL B 230 12.70 30.91 16.79
C VAL B 230 13.50 31.81 17.73
N THR B 231 12.83 32.67 18.47
CA THR B 231 13.55 33.57 19.37
C THR B 231 14.46 32.83 20.35
N TYR B 232 14.05 31.62 20.72
CA TYR B 232 14.81 30.81 21.67
C TYR B 232 16.17 30.36 21.14
N TYR B 233 16.31 30.29 19.82
CA TYR B 233 17.54 29.84 19.19
C TYR B 233 18.29 30.88 18.35
N LEU B 234 18.02 32.17 18.60
CA LEU B 234 18.67 33.24 17.85
C LEU B 234 20.19 33.22 17.98
N ASP B 235 20.68 33.05 19.20
CA ASP B 235 22.12 33.04 19.44
C ASP B 235 22.81 31.91 18.68
N TRP B 236 22.16 30.75 18.63
CA TRP B 236 22.73 29.61 17.92
C TRP B 236 22.78 29.91 16.43
N ILE B 237 21.68 30.41 15.89
CA ILE B 237 21.60 30.74 14.47
C ILE B 237 22.71 31.74 14.09
N HIS B 238 22.87 32.76 14.92
CA HIS B 238 23.87 33.79 14.67
C HIS B 238 25.32 33.33 14.75
N HIS B 239 25.53 32.12 15.23
CA HIS B 239 26.88 31.59 15.29
C HIS B 239 27.28 31.22 13.85
N TYR B 240 26.28 30.95 13.01
CA TYR B 240 26.53 30.54 11.63
C TYR B 240 26.08 31.52 10.56
N VAL B 241 24.93 32.16 10.76
CA VAL B 241 24.41 33.08 9.75
C VAL B 241 24.80 34.53 9.99
N PRO B 242 25.48 35.15 9.01
CA PRO B 242 25.92 36.55 9.13
C PRO B 242 24.72 37.46 9.33
N LYS B 243 24.92 38.55 10.05
CA LYS B 243 23.83 39.49 10.31
C LYS B 243 23.81 40.64 9.30
N ILE C 1 11.20 -10.29 16.37
CA ILE C 1 12.56 -10.76 16.79
C ILE C 1 13.46 -10.99 15.57
N VAL C 2 14.66 -10.42 15.60
CA VAL C 2 15.60 -10.57 14.50
C VAL C 2 16.77 -11.48 14.89
N GLY C 3 17.07 -12.45 14.02
CA GLY C 3 18.16 -13.39 14.25
C GLY C 3 17.91 -14.50 15.25
N GLY C 4 16.65 -14.81 15.53
CA GLY C 4 16.36 -15.86 16.49
C GLY C 4 15.65 -17.04 15.86
N GLN C 5 15.13 -17.94 16.69
CA GLN C 5 14.40 -19.10 16.21
C GLN C 5 13.07 -19.24 16.94
N GLU C 6 12.29 -20.23 16.52
CA GLU C 6 11.03 -20.53 17.18
C GLU C 6 11.37 -21.05 18.57
N ALA C 7 10.61 -20.60 19.56
CA ALA C 7 10.85 -21.04 20.92
C ALA C 7 10.21 -22.38 21.22
N PRO C 8 10.87 -23.18 22.07
CA PRO C 8 10.37 -24.50 22.47
C PRO C 8 9.07 -24.24 23.23
N ARG C 9 8.11 -25.14 23.10
CA ARG C 9 6.81 -24.98 23.76
C ARG C 9 6.89 -24.80 25.28
N SER C 10 7.93 -25.31 25.91
CA SER C 10 8.06 -25.19 27.38
C SER C 10 8.82 -23.96 27.83
N LYS C 11 9.25 -23.13 26.87
CA LYS C 11 10.00 -21.92 27.20
C LYS C 11 9.13 -20.66 27.26
N TRP C 12 9.49 -19.75 28.16
CA TRP C 12 8.80 -18.46 28.31
C TRP C 12 7.30 -18.55 28.60
N PRO C 13 6.90 -19.18 29.72
CA PRO C 13 5.48 -19.31 30.07
C PRO C 13 4.79 -18.01 30.51
N TRP C 14 5.57 -16.94 30.65
CA TRP C 14 5.04 -15.64 31.08
C TRP C 14 4.76 -14.70 29.92
N GLN C 15 5.16 -15.07 28.71
CA GLN C 15 4.95 -14.24 27.53
C GLN C 15 3.47 -14.08 27.20
N VAL C 16 3.06 -12.84 26.90
CA VAL C 16 1.67 -12.61 26.54
C VAL C 16 1.60 -11.75 25.28
N SER C 17 0.44 -11.77 24.63
CA SER C 17 0.22 -11.00 23.42
C SER C 17 -0.95 -10.04 23.66
N LEU C 18 -0.78 -8.77 23.28
CA LEU C 18 -1.84 -7.78 23.45
C LEU C 18 -2.60 -7.68 22.12
N ARG C 19 -3.93 -7.79 22.17
CA ARG C 19 -4.75 -7.74 20.96
C ARG C 19 -5.68 -6.54 20.89
N VAL C 20 -5.85 -6.00 19.68
CA VAL C 20 -6.73 -4.85 19.46
C VAL C 20 -7.91 -5.25 18.57
N HIS C 21 -9.10 -4.76 18.95
CA HIS C 21 -10.33 -5.07 18.22
C HIS C 21 -10.26 -4.63 16.75
N GLY C 22 -10.76 -5.47 15.85
CA GLY C 22 -10.76 -5.14 14.43
C GLY C 22 -11.38 -6.26 13.63
N PRO C 23 -11.04 -6.40 12.33
CA PRO C 23 -11.64 -7.49 11.54
C PRO C 23 -11.38 -8.78 12.31
N TYR C 24 -10.34 -8.74 13.14
CA TYR C 24 -9.97 -9.86 14.00
C TYR C 24 -9.10 -9.29 15.11
N TRP C 25 -9.02 -9.98 16.25
CA TRP C 25 -8.19 -9.50 17.35
C TRP C 25 -6.72 -9.61 17.01
N MET C 26 -6.21 -8.54 16.42
CA MET C 26 -4.83 -8.47 15.97
C MET C 26 -3.78 -8.16 17.05
N HIS C 27 -2.66 -8.85 16.97
CA HIS C 27 -1.54 -8.66 17.89
C HIS C 27 -0.86 -7.33 17.59
N PHE C 28 -0.61 -6.50 18.60
CA PHE C 28 0.08 -5.22 18.33
C PHE C 28 1.28 -4.97 19.25
N CYS C 29 1.37 -5.73 20.33
CA CYS C 29 2.45 -5.59 21.29
C CYS C 29 2.53 -6.84 22.16
N GLY C 30 3.65 -6.97 22.88
CA GLY C 30 3.84 -8.09 23.76
C GLY C 30 3.68 -7.63 25.20
N GLY C 31 3.95 -8.53 26.13
CA GLY C 31 3.84 -8.21 27.55
C GLY C 31 4.30 -9.42 28.34
N SER C 32 4.23 -9.33 29.67
CA SER C 32 4.63 -10.46 30.50
C SER C 32 3.73 -10.56 31.69
N LEU C 33 3.49 -11.79 32.13
CA LEU C 33 2.64 -12.02 33.29
C LEU C 33 3.55 -11.96 34.52
N ILE C 34 3.39 -10.91 35.33
CA ILE C 34 4.24 -10.77 36.52
C ILE C 34 3.52 -11.11 37.83
N HIS C 35 2.22 -11.35 37.74
CA HIS C 35 1.37 -11.70 38.87
C HIS C 35 0.15 -12.35 38.24
N PRO C 36 -0.51 -13.27 38.96
CA PRO C 36 -1.69 -13.94 38.42
C PRO C 36 -2.75 -13.03 37.79
N GLN C 37 -2.81 -11.78 38.25
CA GLN C 37 -3.80 -10.85 37.71
C GLN C 37 -3.18 -9.60 37.06
N TRP C 38 -1.87 -9.60 36.87
CA TRP C 38 -1.22 -8.43 36.28
C TRP C 38 -0.22 -8.70 35.15
N VAL C 39 -0.33 -7.89 34.10
CA VAL C 39 0.55 -7.97 32.94
C VAL C 39 1.39 -6.69 32.85
N LEU C 40 2.70 -6.87 32.63
CA LEU C 40 3.61 -5.75 32.50
C LEU C 40 3.85 -5.52 31.01
N THR C 41 3.84 -4.27 30.58
CA THR C 41 4.07 -3.98 29.17
C THR C 41 4.67 -2.58 29.01
N ALA C 42 4.80 -2.12 27.77
CA ALA C 42 5.35 -0.81 27.51
C ALA C 42 4.25 0.25 27.43
N ALA C 43 4.51 1.42 27.98
CA ALA C 43 3.54 2.53 27.95
C ALA C 43 3.14 2.93 26.53
N HIS C 44 4.11 3.01 25.63
CA HIS C 44 3.80 3.44 24.27
C HIS C 44 2.86 2.50 23.52
N CYS C 45 2.63 1.31 24.07
CA CYS C 45 1.72 0.36 23.45
C CYS C 45 0.27 0.74 23.76
N VAL C 46 0.06 1.35 24.92
CA VAL C 46 -1.28 1.75 25.36
C VAL C 46 -1.41 3.21 25.76
N GLY C 47 -0.55 4.07 25.23
CA GLY C 47 -0.58 5.48 25.55
C GLY C 47 0.24 6.32 24.58
N PRO C 48 0.47 7.61 24.88
CA PRO C 48 0.01 8.32 26.06
C PRO C 48 -1.48 8.65 26.12
N ASP C 49 -2.16 8.65 24.99
CA ASP C 49 -3.58 8.97 25.00
C ASP C 49 -4.44 7.82 25.50
N VAL C 50 -5.45 8.17 26.30
CA VAL C 50 -6.36 7.18 26.90
C VAL C 50 -7.08 6.30 25.87
N LYS C 51 -7.08 5.00 26.14
CA LYS C 51 -7.68 4.01 25.25
C LYS C 51 -8.89 3.29 25.87
N ASP C 52 -9.80 2.83 25.00
CA ASP C 52 -10.99 2.13 25.43
C ASP C 52 -10.67 0.71 25.89
N LEU C 53 -11.00 0.38 27.14
CA LEU C 53 -10.74 -0.96 27.67
C LEU C 53 -11.40 -2.07 26.87
N ALA C 54 -12.57 -1.77 26.30
CA ALA C 54 -13.33 -2.74 25.52
C ALA C 54 -12.66 -3.15 24.21
N ALA C 55 -11.70 -2.36 23.74
CA ALA C 55 -11.03 -2.68 22.48
C ALA C 55 -9.71 -3.43 22.71
N LEU C 56 -9.47 -3.83 23.95
CA LEU C 56 -8.24 -4.54 24.30
C LEU C 56 -8.44 -5.91 24.95
N ARG C 57 -7.62 -6.88 24.55
CA ARG C 57 -7.67 -8.22 25.11
C ARG C 57 -6.24 -8.73 25.31
N VAL C 58 -6.09 -9.65 26.24
CA VAL C 58 -4.80 -10.25 26.53
C VAL C 58 -4.86 -11.75 26.22
N GLN C 59 -3.79 -12.25 25.59
CA GLN C 59 -3.69 -13.67 25.22
C GLN C 59 -2.46 -14.25 25.90
N LEU C 60 -2.64 -15.26 26.74
CA LEU C 60 -1.52 -15.90 27.44
C LEU C 60 -0.65 -16.68 26.45
N ARG C 61 0.46 -17.24 26.94
CA ARG C 61 1.39 -17.95 26.06
C ARG C 61 0.75 -18.88 25.03
N GLU C 62 1.12 -18.62 23.78
CA GLU C 62 0.64 -19.37 22.63
C GLU C 62 1.85 -19.72 21.78
N GLN C 63 1.86 -20.91 21.20
CA GLN C 63 2.97 -21.30 20.35
C GLN C 63 2.81 -20.56 19.02
N HIS C 64 1.57 -20.51 18.52
CA HIS C 64 1.27 -19.81 17.26
C HIS C 64 0.14 -18.83 17.50
N LEU C 65 0.32 -17.58 17.07
CA LEU C 65 -0.72 -16.58 17.27
C LEU C 65 -1.98 -16.93 16.50
N TYR C 66 -3.12 -16.60 17.10
CA TYR C 66 -4.43 -16.80 16.49
C TYR C 66 -5.01 -18.20 16.39
N TYR C 67 -4.16 -19.23 16.44
CA TYR C 67 -4.68 -20.58 16.30
C TYR C 67 -5.46 -21.12 17.49
N GLN C 68 -4.93 -20.99 18.70
CA GLN C 68 -5.68 -21.50 19.84
C GLN C 68 -6.01 -20.40 20.83
N ASP C 69 -6.45 -19.25 20.31
CA ASP C 69 -6.78 -18.10 21.16
C ASP C 69 -7.80 -18.35 22.25
N GLN C 70 -7.60 -17.64 23.36
CA GLN C 70 -8.48 -17.68 24.52
C GLN C 70 -8.28 -16.29 25.13
N LEU C 71 -8.92 -15.30 24.52
CA LEU C 71 -8.79 -13.92 24.91
C LEU C 71 -9.38 -13.55 26.27
N LEU C 72 -8.58 -12.80 27.04
CA LEU C 72 -8.96 -12.35 28.37
C LEU C 72 -9.18 -10.84 28.42
N PRO C 73 -10.24 -10.40 29.08
CA PRO C 73 -10.56 -8.97 29.20
C PRO C 73 -9.65 -8.29 30.22
N VAL C 74 -9.44 -6.99 30.04
CA VAL C 74 -8.61 -6.19 30.92
C VAL C 74 -9.51 -5.28 31.75
N SER C 75 -9.29 -5.21 33.05
CA SER C 75 -10.13 -4.38 33.90
C SER C 75 -9.59 -2.97 34.13
N ARG C 76 -8.30 -2.79 33.94
CA ARG C 76 -7.68 -1.48 34.13
C ARG C 76 -6.31 -1.35 33.48
N ILE C 77 -6.07 -0.19 32.89
CA ILE C 77 -4.80 0.12 32.24
C ILE C 77 -4.10 1.19 33.06
N ILE C 78 -2.90 0.92 33.55
CA ILE C 78 -2.16 1.90 34.33
C ILE C 78 -0.86 2.24 33.60
N VAL C 79 -0.79 3.47 33.10
CA VAL C 79 0.38 3.96 32.38
C VAL C 79 1.16 4.86 33.34
N HIS C 80 2.48 4.73 33.37
CA HIS C 80 3.27 5.59 34.25
C HIS C 80 3.00 7.05 33.89
N PRO C 81 2.63 7.87 34.89
CA PRO C 81 2.34 9.28 34.65
C PRO C 81 3.46 10.14 34.08
N GLN C 82 4.70 9.67 34.16
CA GLN C 82 5.81 10.43 33.61
C GLN C 82 6.05 10.14 32.14
N PHE C 83 5.26 9.23 31.57
CA PHE C 83 5.42 8.87 30.16
C PHE C 83 4.73 9.74 29.14
N TYR C 84 5.47 10.07 28.08
CA TYR C 84 4.91 10.80 26.96
C TYR C 84 5.44 10.15 25.68
N THR C 85 6.76 9.89 25.62
CA THR C 85 7.33 9.20 24.47
C THR C 85 8.42 8.25 24.95
N ALA C 86 8.74 7.23 24.16
CA ALA C 86 9.78 6.28 24.57
C ALA C 86 11.14 6.93 24.71
N GLN C 87 11.45 7.87 23.82
CA GLN C 87 12.74 8.54 23.86
C GLN C 87 12.93 9.37 25.13
N ILE C 88 11.82 9.81 25.74
CA ILE C 88 11.92 10.59 26.96
C ILE C 88 12.06 9.66 28.16
N GLY C 89 11.37 8.53 28.12
CA GLY C 89 11.48 7.57 29.22
C GLY C 89 10.19 7.17 29.90
N ALA C 90 10.33 6.39 30.98
CA ALA C 90 9.19 5.90 31.74
C ALA C 90 8.25 5.09 30.84
N ASP C 91 8.81 4.39 29.86
CA ASP C 91 7.99 3.60 28.93
C ASP C 91 7.60 2.27 29.60
N ILE C 92 6.65 2.33 30.51
CA ILE C 92 6.23 1.14 31.23
C ILE C 92 4.77 1.28 31.63
N ALA C 93 4.05 0.16 31.67
CA ALA C 93 2.63 0.18 32.02
C ALA C 93 2.17 -1.15 32.58
N LEU C 94 1.03 -1.12 33.26
CA LEU C 94 0.43 -2.32 33.87
C LEU C 94 -0.98 -2.56 33.38
N LEU C 95 -1.32 -3.83 33.19
CA LEU C 95 -2.67 -4.22 32.77
C LEU C 95 -3.25 -5.15 33.83
N GLU C 96 -4.34 -4.73 34.47
CA GLU C 96 -4.97 -5.56 35.50
C GLU C 96 -6.04 -6.42 34.83
N LEU C 97 -5.88 -7.74 34.91
CA LEU C 97 -6.84 -8.65 34.30
C LEU C 97 -8.15 -8.69 35.08
N GLU C 98 -9.22 -9.06 34.37
CA GLU C 98 -10.56 -9.15 34.96
C GLU C 98 -10.58 -10.27 36.01
N GLU C 99 -9.74 -11.27 35.79
CA GLU C 99 -9.67 -12.42 36.69
C GLU C 99 -8.22 -12.88 36.84
N PRO C 100 -7.88 -13.45 38.00
CA PRO C 100 -6.52 -13.94 38.23
C PRO C 100 -6.41 -15.23 37.42
N VAL C 101 -5.34 -15.38 36.64
CA VAL C 101 -5.18 -16.58 35.83
C VAL C 101 -4.79 -17.78 36.68
N LYS C 102 -5.23 -18.97 36.26
CA LYS C 102 -4.90 -20.19 36.98
C LYS C 102 -3.54 -20.69 36.50
N VAL C 103 -2.51 -20.34 37.26
CA VAL C 103 -1.13 -20.71 36.95
C VAL C 103 -0.90 -22.22 36.73
N SER C 104 -0.09 -22.54 35.73
CA SER C 104 0.25 -23.92 35.42
C SER C 104 1.73 -23.95 35.03
N SER C 105 2.32 -25.14 34.94
CA SER C 105 3.73 -25.24 34.58
C SER C 105 3.94 -24.69 33.17
N HIS C 106 2.88 -24.68 32.38
CA HIS C 106 2.95 -24.20 31.01
C HIS C 106 2.74 -22.69 30.90
N VAL C 107 1.99 -22.13 31.84
CA VAL C 107 1.72 -20.69 31.85
C VAL C 107 1.80 -20.14 33.26
N HIS C 108 2.85 -19.37 33.54
CA HIS C 108 2.99 -18.76 34.86
C HIS C 108 3.78 -17.45 34.84
N THR C 109 3.86 -16.81 36.00
CA THR C 109 4.54 -15.52 36.13
C THR C 109 6.05 -15.57 36.04
N VAL C 110 6.64 -14.42 35.69
CA VAL C 110 8.08 -14.30 35.60
C VAL C 110 8.44 -13.53 36.87
N THR C 111 9.65 -13.74 37.37
CA THR C 111 10.08 -13.07 38.60
C THR C 111 10.76 -11.74 38.31
N LEU C 112 10.43 -10.72 39.08
CA LEU C 112 11.02 -9.41 38.93
C LEU C 112 12.30 -9.37 39.76
N PRO C 113 13.32 -8.63 39.28
CA PRO C 113 14.58 -8.56 40.02
C PRO C 113 14.50 -7.71 41.28
N PRO C 114 15.38 -7.97 42.26
CA PRO C 114 15.39 -7.19 43.50
C PRO C 114 15.92 -5.79 43.17
N ALA C 115 15.55 -4.81 44.00
CA ALA C 115 15.97 -3.43 43.78
C ALA C 115 17.47 -3.26 43.55
N SER C 116 18.29 -4.03 44.25
CA SER C 116 19.74 -3.91 44.12
C SER C 116 20.31 -4.68 42.93
N GLU C 117 19.48 -5.46 42.25
CA GLU C 117 19.95 -6.25 41.12
C GLU C 117 20.46 -5.41 39.95
N THR C 118 21.65 -5.73 39.49
CA THR C 118 22.23 -5.03 38.34
C THR C 118 22.84 -6.06 37.40
N PHE C 119 22.30 -6.13 36.19
CA PHE C 119 22.75 -7.07 35.18
C PHE C 119 24.01 -6.55 34.50
N PRO C 120 25.14 -7.23 34.69
CA PRO C 120 26.43 -6.83 34.11
C PRO C 120 26.56 -6.91 32.59
N PRO C 121 27.36 -6.01 32.01
CA PRO C 121 27.59 -5.98 30.56
C PRO C 121 28.11 -7.32 30.04
N GLY C 122 27.50 -7.81 28.96
CA GLY C 122 27.93 -9.07 28.39
C GLY C 122 27.13 -10.28 28.85
N MET C 123 26.38 -10.14 29.94
CA MET C 123 25.58 -11.26 30.44
C MET C 123 24.58 -11.69 29.38
N PRO C 124 24.50 -13.01 29.10
CA PRO C 124 23.56 -13.51 28.08
C PRO C 124 22.12 -13.49 28.59
N CYS C 125 21.27 -12.74 27.91
CA CYS C 125 19.86 -12.65 28.27
C CYS C 125 19.06 -13.00 27.03
N TRP C 126 17.74 -13.10 27.19
CA TRP C 126 16.86 -13.43 26.09
C TRP C 126 15.68 -12.48 25.93
N VAL C 127 15.32 -12.18 24.69
CA VAL C 127 14.16 -11.34 24.39
C VAL C 127 13.23 -12.21 23.52
N THR C 128 11.92 -12.10 23.72
CA THR C 128 10.98 -12.92 22.98
C THR C 128 9.77 -12.15 22.48
N GLY C 129 9.10 -12.67 21.45
CA GLY C 129 7.93 -12.00 20.92
C GLY C 129 7.52 -12.43 19.53
N TRP C 130 6.41 -11.85 19.05
CA TRP C 130 5.88 -12.14 17.72
C TRP C 130 6.06 -10.96 16.75
N GLY C 131 7.05 -10.12 17.01
CA GLY C 131 7.27 -8.96 16.15
C GLY C 131 8.02 -9.25 14.86
N ASP C 132 8.28 -8.20 14.07
CA ASP C 132 8.98 -8.33 12.80
C ASP C 132 10.32 -9.06 12.89
N VAL C 133 10.61 -9.88 11.89
CA VAL C 133 11.86 -10.63 11.85
C VAL C 133 13.00 -9.87 11.20
N ASP C 134 12.71 -8.63 10.82
CA ASP C 134 13.69 -7.74 10.21
C ASP C 134 12.98 -6.45 9.87
N ASN C 135 13.76 -5.42 9.57
CA ASN C 135 13.18 -4.13 9.22
C ASN C 135 12.12 -4.27 8.14
N ASP C 136 10.89 -3.87 8.47
CA ASP C 136 9.80 -3.95 7.51
C ASP C 136 9.41 -5.35 7.09
N GLU C 137 9.93 -6.38 7.76
CA GLU C 137 9.58 -7.75 7.42
C GLU C 137 8.71 -8.34 8.52
N ARG C 138 7.43 -8.54 8.22
CA ARG C 138 6.51 -9.10 9.20
C ARG C 138 6.80 -10.57 9.47
N LEU C 139 6.41 -11.03 10.65
CA LEU C 139 6.59 -12.43 10.99
C LEU C 139 5.55 -13.14 10.14
N PRO C 140 5.97 -14.12 9.34
CA PRO C 140 4.98 -14.81 8.49
C PRO C 140 4.18 -15.89 9.22
N PRO C 141 3.03 -16.29 8.63
CA PRO C 141 2.22 -17.34 9.25
C PRO C 141 3.12 -18.58 9.30
N PRO C 142 2.88 -19.50 10.24
CA PRO C 142 1.83 -19.51 11.26
C PRO C 142 2.14 -18.72 12.55
N PHE C 143 2.96 -17.68 12.42
CA PHE C 143 3.28 -16.81 13.55
C PHE C 143 3.78 -17.48 14.82
N PRO C 144 4.91 -18.20 14.75
CA PRO C 144 5.40 -18.85 15.98
C PRO C 144 6.06 -17.83 16.90
N LEU C 145 6.07 -18.11 18.20
CA LEU C 145 6.73 -17.21 19.14
C LEU C 145 8.22 -17.37 18.87
N LYS C 146 8.96 -16.27 18.82
CA LYS C 146 10.40 -16.32 18.55
C LYS C 146 11.21 -15.88 19.77
N GLN C 147 12.46 -16.33 19.82
CA GLN C 147 13.36 -16.00 20.91
C GLN C 147 14.74 -15.74 20.32
N VAL C 148 15.56 -14.95 21.03
CA VAL C 148 16.90 -14.69 20.57
C VAL C 148 17.76 -14.26 21.75
N LYS C 149 18.97 -14.83 21.83
CA LYS C 149 19.89 -14.51 22.92
C LYS C 149 20.63 -13.22 22.59
N VAL C 150 20.55 -12.24 23.48
CA VAL C 150 21.21 -10.96 23.29
C VAL C 150 22.04 -10.61 24.52
N PRO C 151 23.26 -10.09 24.31
CA PRO C 151 24.11 -9.71 25.44
C PRO C 151 23.79 -8.31 25.94
N ILE C 152 23.78 -8.13 27.26
CA ILE C 152 23.52 -6.83 27.88
C ILE C 152 24.67 -5.89 27.48
N MET C 153 24.38 -4.60 27.34
CA MET C 153 25.41 -3.62 26.99
C MET C 153 25.38 -2.52 28.04
N GLU C 154 26.55 -2.02 28.43
CA GLU C 154 26.59 -0.97 29.42
C GLU C 154 25.88 0.29 28.91
N ASN C 155 25.07 0.88 29.79
CA ASN C 155 24.32 2.08 29.45
C ASN C 155 25.17 3.15 28.77
N HIS C 156 26.33 3.47 29.35
CA HIS C 156 27.22 4.48 28.79
C HIS C 156 27.68 4.13 27.36
N ILE C 157 28.09 2.88 27.16
CA ILE C 157 28.56 2.45 25.85
C ILE C 157 27.43 2.59 24.81
N CYS C 158 26.24 2.18 25.20
CA CYS C 158 25.07 2.26 24.34
C CYS C 158 24.78 3.71 23.94
N ASP C 159 24.79 4.60 24.93
CA ASP C 159 24.53 6.01 24.71
C ASP C 159 25.56 6.55 23.73
N ALA C 160 26.83 6.16 23.95
CA ALA C 160 27.91 6.61 23.07
C ALA C 160 27.64 6.15 21.65
N LYS C 161 27.29 4.88 21.48
CA LYS C 161 27.03 4.35 20.16
C LYS C 161 25.95 5.11 19.40
N TYR C 162 24.85 5.43 20.07
CA TYR C 162 23.77 6.15 19.43
C TYR C 162 24.21 7.53 18.93
N HIS C 163 25.31 8.06 19.47
CA HIS C 163 25.81 9.36 19.04
C HIS C 163 26.67 9.21 17.77
N LEU C 164 27.14 8.00 17.51
CA LEU C 164 27.97 7.73 16.33
C LEU C 164 27.16 7.93 15.05
N GLY C 165 27.61 8.86 14.22
CA GLY C 165 26.90 9.10 12.98
C GLY C 165 25.64 9.91 13.22
N ALA C 166 25.64 10.66 14.32
CA ALA C 166 24.49 11.51 14.66
C ALA C 166 24.97 12.94 14.90
N TYR C 167 24.06 13.89 14.77
CA TYR C 167 24.39 15.29 14.99
C TYR C 167 24.30 15.67 16.47
N THR C 168 23.61 14.84 17.25
CA THR C 168 23.43 15.11 18.67
C THR C 168 24.76 15.27 19.41
N GLY C 169 24.87 16.32 20.23
CA GLY C 169 26.08 16.55 20.99
C GLY C 169 26.41 15.38 21.91
N ASP C 170 27.67 14.98 21.95
CA ASP C 170 28.10 13.85 22.79
C ASP C 170 27.72 13.97 24.26
N ASP C 171 27.57 15.20 24.72
CA ASP C 171 27.21 15.46 26.12
C ASP C 171 25.69 15.38 26.36
N VAL C 172 24.92 15.27 25.29
CA VAL C 172 23.47 15.18 25.40
C VAL C 172 23.02 13.73 25.45
N ARG C 173 22.45 13.32 26.56
CA ARG C 173 22.01 11.94 26.72
C ARG C 173 20.92 11.55 25.74
N ILE C 174 21.07 10.37 25.16
CA ILE C 174 20.09 9.82 24.23
C ILE C 174 19.50 8.59 24.95
N VAL C 175 20.39 7.74 25.47
CA VAL C 175 19.97 6.55 26.22
C VAL C 175 20.06 7.00 27.67
N ARG C 176 18.91 7.15 28.31
CA ARG C 176 18.84 7.62 29.69
C ARG C 176 19.00 6.57 30.78
N ASP C 177 19.15 7.05 32.01
CA ASP C 177 19.36 6.17 33.16
C ASP C 177 18.24 5.18 33.52
N ASP C 178 17.04 5.40 33.00
CA ASP C 178 15.95 4.46 33.30
C ASP C 178 15.78 3.48 32.13
N MET C 179 16.76 3.49 31.22
CA MET C 179 16.78 2.60 30.06
C MET C 179 17.97 1.65 30.11
N LEU C 180 17.84 0.53 29.41
CA LEU C 180 18.88 -0.50 29.37
C LEU C 180 19.00 -0.97 27.91
N CYS C 181 20.19 -1.41 27.50
CA CYS C 181 20.38 -1.87 26.12
C CYS C 181 20.90 -3.29 26.01
N ALA C 182 20.66 -3.89 24.85
CA ALA C 182 21.08 -5.26 24.58
C ALA C 182 20.93 -5.52 23.08
N GLY C 183 21.70 -6.48 22.57
CA GLY C 183 21.61 -6.83 21.16
C GLY C 183 22.75 -6.30 20.30
N ASN C 184 22.79 -6.74 19.04
CA ASN C 184 23.81 -6.32 18.11
C ASN C 184 23.28 -6.34 16.67
N THR C 185 24.19 -6.37 15.69
CA THR C 185 23.78 -6.36 14.28
C THR C 185 23.22 -7.67 13.77
N ARG C 186 23.15 -8.68 14.63
CA ARG C 186 22.61 -9.97 14.23
C ARG C 186 21.41 -10.39 15.08
N ARG C 187 21.37 -9.93 16.33
CA ARG C 187 20.29 -10.29 17.24
C ARG C 187 19.71 -9.04 17.90
N ASP C 188 18.38 -8.88 17.79
CA ASP C 188 17.73 -7.70 18.36
C ASP C 188 16.20 -7.90 18.43
N SER C 189 15.53 -6.93 19.02
CA SER C 189 14.07 -6.94 19.11
C SER C 189 13.66 -6.11 17.91
N CYS C 190 12.36 -5.97 17.66
CA CYS C 190 11.92 -5.18 16.51
C CYS C 190 10.45 -4.79 16.71
N GLN C 191 9.92 -3.96 15.82
CA GLN C 191 8.52 -3.53 15.91
C GLN C 191 7.61 -4.74 16.14
N GLY C 192 6.73 -4.63 17.13
CA GLY C 192 5.82 -5.73 17.42
C GLY C 192 6.24 -6.51 18.65
N ASP C 193 7.52 -6.38 19.04
CA ASP C 193 8.04 -7.06 20.22
C ASP C 193 7.85 -6.14 21.43
N SER C 194 7.66 -4.85 21.15
CA SER C 194 7.47 -3.83 22.20
C SER C 194 6.56 -4.29 23.33
N GLY C 195 6.95 -3.95 24.56
CA GLY C 195 6.16 -4.32 25.71
C GLY C 195 6.51 -5.71 26.20
N GLY C 196 7.24 -6.45 25.36
CA GLY C 196 7.65 -7.80 25.69
C GLY C 196 8.81 -7.83 26.67
N PRO C 197 9.17 -9.01 27.21
CA PRO C 197 10.25 -9.19 28.17
C PRO C 197 11.68 -9.49 27.71
N LEU C 198 12.63 -9.00 28.49
CA LEU C 198 14.05 -9.27 28.29
C LEU C 198 14.39 -9.95 29.61
N VAL C 199 14.64 -11.26 29.56
CA VAL C 199 14.93 -12.01 30.78
C VAL C 199 16.35 -12.58 30.82
N CYS C 200 16.95 -12.57 32.01
CA CYS C 200 18.29 -13.10 32.22
C CYS C 200 18.24 -14.08 33.39
N LYS C 201 18.90 -15.22 33.25
CA LYS C 201 18.92 -16.21 34.32
C LYS C 201 20.14 -15.94 35.22
N VAL C 202 19.89 -15.58 36.47
CA VAL C 202 20.96 -15.27 37.43
C VAL C 202 21.33 -16.49 38.30
N ASN C 203 20.80 -16.54 39.51
CA ASN C 203 21.06 -17.67 40.42
C ASN C 203 19.97 -18.66 40.06
N GLY C 204 20.04 -19.22 38.86
CA GLY C 204 18.97 -20.08 38.41
C GLY C 204 17.93 -19.00 38.25
N THR C 205 16.66 -19.28 38.53
CA THR C 205 15.60 -18.28 38.44
C THR C 205 15.73 -17.20 37.34
N TRP C 206 14.77 -17.18 36.42
CA TRP C 206 14.78 -16.18 35.36
C TRP C 206 14.24 -14.85 35.91
N LEU C 207 14.97 -13.76 35.66
CA LEU C 207 14.54 -12.45 36.14
C LEU C 207 14.26 -11.53 34.95
N GLN C 208 13.19 -10.75 35.00
CA GLN C 208 12.93 -9.84 33.89
C GLN C 208 13.70 -8.54 34.13
N ALA C 209 14.70 -8.30 33.30
CA ALA C 209 15.55 -7.12 33.40
C ALA C 209 14.99 -5.90 32.67
N GLY C 210 14.25 -6.13 31.60
CA GLY C 210 13.73 -4.99 30.88
C GLY C 210 12.46 -5.24 30.10
N VAL C 211 11.90 -4.15 29.58
CA VAL C 211 10.69 -4.20 28.77
C VAL C 211 11.07 -3.62 27.41
N VAL C 212 10.81 -4.35 26.32
CA VAL C 212 11.15 -3.85 24.98
C VAL C 212 10.52 -2.48 24.78
N SER C 213 11.36 -1.46 24.54
CA SER C 213 10.86 -0.09 24.40
C SER C 213 11.04 0.61 23.05
N TRP C 214 12.28 0.81 22.62
CA TRP C 214 12.53 1.48 21.34
C TRP C 214 13.91 1.26 20.77
N GLY C 215 14.17 1.93 19.66
CA GLY C 215 15.46 1.84 18.99
C GLY C 215 15.40 2.53 17.65
N GLU C 216 16.52 2.50 16.94
CA GLU C 216 16.59 3.12 15.61
C GLU C 216 16.76 1.99 14.61
N GLY C 217 15.65 1.53 14.05
CA GLY C 217 15.74 0.43 13.10
C GLY C 217 15.88 -0.82 13.94
N CYS C 218 16.18 -1.96 13.32
CA CYS C 218 16.35 -3.21 14.07
C CYS C 218 17.68 -3.85 13.69
N ALA C 219 18.48 -4.18 14.69
CA ALA C 219 19.78 -4.81 14.47
C ALA C 219 20.69 -3.95 13.59
N GLN C 220 20.50 -2.64 13.65
CA GLN C 220 21.30 -1.71 12.86
C GLN C 220 22.62 -1.38 13.56
N PRO C 221 23.70 -1.17 12.79
CA PRO C 221 25.02 -0.84 13.33
C PRO C 221 24.97 0.34 14.29
N ASN C 222 25.65 0.19 15.43
CA ASN C 222 25.71 1.22 16.46
C ASN C 222 24.34 1.69 16.93
N ARG C 223 23.35 0.80 16.81
CA ARG C 223 22.00 1.14 17.24
C ARG C 223 21.32 -0.04 17.95
N PRO C 224 21.83 -0.38 19.15
CA PRO C 224 21.31 -1.47 19.98
C PRO C 224 19.86 -1.25 20.41
N GLY C 225 19.15 -2.35 20.65
CA GLY C 225 17.77 -2.25 21.09
C GLY C 225 17.75 -1.66 22.48
N ILE C 226 16.78 -0.79 22.73
CA ILE C 226 16.66 -0.15 24.04
C ILE C 226 15.42 -0.64 24.78
N TYR C 227 15.61 -0.88 26.07
CA TYR C 227 14.57 -1.39 26.95
C TYR C 227 14.37 -0.50 28.17
N THR C 228 13.21 -0.63 28.78
CA THR C 228 12.95 0.14 30.00
C THR C 228 13.55 -0.71 31.11
N ARG C 229 14.44 -0.13 31.90
CA ARG C 229 15.08 -0.87 32.99
C ARG C 229 14.08 -1.15 34.12
N VAL C 230 13.69 -2.41 34.27
CA VAL C 230 12.72 -2.78 35.30
C VAL C 230 13.06 -2.35 36.73
N THR C 231 14.30 -2.58 37.17
CA THR C 231 14.69 -2.20 38.52
C THR C 231 14.42 -0.74 38.83
N TYR C 232 14.53 0.11 37.81
CA TYR C 232 14.29 1.54 38.00
C TYR C 232 12.87 1.86 38.45
N TYR C 233 11.91 1.05 38.02
CA TYR C 233 10.51 1.28 38.35
C TYR C 233 9.84 0.24 39.27
N LEU C 234 10.62 -0.43 40.10
CA LEU C 234 10.06 -1.42 40.99
C LEU C 234 9.09 -0.83 42.01
N ASP C 235 9.43 0.33 42.57
CA ASP C 235 8.55 0.97 43.55
C ASP C 235 7.18 1.29 42.96
N TRP C 236 7.18 1.83 41.73
CA TRP C 236 5.93 2.17 41.06
C TRP C 236 5.11 0.91 40.81
N ILE C 237 5.77 -0.13 40.32
CA ILE C 237 5.10 -1.39 40.05
C ILE C 237 4.45 -1.95 41.31
N HIS C 238 5.24 -2.07 42.37
CA HIS C 238 4.77 -2.61 43.64
C HIS C 238 3.77 -1.70 44.35
N HIS C 239 3.41 -0.61 43.70
CA HIS C 239 2.44 0.31 44.26
C HIS C 239 1.05 -0.19 43.89
N TYR C 240 1.00 -1.05 42.87
CA TYR C 240 -0.24 -1.61 42.37
C TYR C 240 -0.24 -3.13 42.39
N VAL C 241 0.94 -3.73 42.21
CA VAL C 241 1.06 -5.18 42.19
C VAL C 241 1.53 -5.78 43.50
N PRO C 242 0.73 -6.72 44.05
CA PRO C 242 1.07 -7.38 45.32
C PRO C 242 2.42 -8.07 45.20
N LYS C 243 3.30 -7.86 46.17
CA LYS C 243 4.63 -8.46 46.15
C LYS C 243 4.58 -9.93 46.55
N ILE D 1 -14.51 -16.72 0.24
CA ILE D 1 -15.96 -17.03 0.40
C ILE D 1 -16.72 -15.89 1.09
N VAL D 2 -17.74 -15.38 0.41
CA VAL D 2 -18.58 -14.30 0.96
C VAL D 2 -19.83 -14.95 1.56
N GLY D 3 -20.14 -14.60 2.81
CA GLY D 3 -21.29 -15.21 3.47
C GLY D 3 -20.88 -16.58 4.01
N GLY D 4 -21.85 -17.43 4.32
CA GLY D 4 -21.51 -18.75 4.83
C GLY D 4 -20.64 -18.70 6.08
N GLN D 5 -20.03 -19.82 6.44
CA GLN D 5 -19.19 -19.85 7.64
C GLN D 5 -18.08 -20.89 7.59
N GLU D 6 -17.44 -21.12 8.73
CA GLU D 6 -16.36 -22.08 8.79
C GLU D 6 -16.86 -23.50 8.59
N ALA D 7 -16.20 -24.24 7.70
CA ALA D 7 -16.60 -25.62 7.39
C ALA D 7 -16.24 -26.59 8.52
N PRO D 8 -17.11 -27.60 8.74
CA PRO D 8 -16.83 -28.58 9.79
C PRO D 8 -15.59 -29.38 9.37
N ARG D 9 -14.89 -29.94 10.35
CA ARG D 9 -13.68 -30.72 10.11
C ARG D 9 -13.83 -31.87 9.11
N SER D 10 -14.97 -32.56 9.18
CA SER D 10 -15.22 -33.72 8.32
C SER D 10 -15.70 -33.43 6.88
N LYS D 11 -16.05 -32.18 6.58
CA LYS D 11 -16.54 -31.85 5.26
C LYS D 11 -15.51 -31.41 4.25
N TRP D 12 -15.83 -31.67 2.99
CA TRP D 12 -14.96 -31.28 1.88
C TRP D 12 -13.57 -31.88 2.00
N PRO D 13 -13.47 -33.22 2.06
CA PRO D 13 -12.21 -33.95 2.18
C PRO D 13 -11.30 -33.75 0.98
N TRP D 14 -11.89 -33.31 -0.12
CA TRP D 14 -11.19 -33.09 -1.38
C TRP D 14 -10.63 -31.69 -1.58
N GLN D 15 -10.94 -30.76 -0.68
CA GLN D 15 -10.45 -29.39 -0.83
C GLN D 15 -8.93 -29.33 -0.77
N VAL D 16 -8.34 -28.56 -1.68
CA VAL D 16 -6.89 -28.41 -1.76
C VAL D 16 -6.50 -26.94 -1.80
N SER D 17 -5.29 -26.64 -1.34
CA SER D 17 -4.75 -25.28 -1.35
C SER D 17 -3.47 -25.23 -2.19
N LEU D 18 -3.42 -24.28 -3.13
CA LEU D 18 -2.24 -24.11 -3.98
C LEU D 18 -1.33 -23.05 -3.36
N ARG D 19 -0.03 -23.35 -3.24
CA ARG D 19 0.92 -22.43 -2.62
C ARG D 19 2.04 -21.97 -3.56
N VAL D 20 2.37 -20.68 -3.47
CA VAL D 20 3.44 -20.11 -4.29
C VAL D 20 4.61 -19.78 -3.36
N HIS D 21 5.82 -20.07 -3.80
CA HIS D 21 7.01 -19.82 -3.00
C HIS D 21 7.27 -18.34 -2.77
N GLY D 22 7.87 -18.01 -1.64
CA GLY D 22 8.18 -16.62 -1.31
C GLY D 22 8.53 -16.55 0.16
N PRO D 23 8.31 -15.41 0.84
CA PRO D 23 8.64 -15.29 2.27
C PRO D 23 8.12 -16.50 3.05
N TYR D 24 7.01 -17.07 2.56
CA TYR D 24 6.40 -18.26 3.14
C TYR D 24 5.51 -18.85 2.04
N TRP D 25 5.19 -20.14 2.12
CA TRP D 25 4.36 -20.76 1.09
C TRP D 25 2.91 -20.27 1.18
N MET D 26 2.65 -19.16 0.51
CA MET D 26 1.35 -18.50 0.53
C MET D 26 0.27 -19.07 -0.38
N HIS D 27 -0.94 -19.16 0.15
CA HIS D 27 -2.10 -19.65 -0.60
C HIS D 27 -2.53 -18.63 -1.65
N PHE D 28 -2.74 -19.10 -2.88
CA PHE D 28 -3.18 -18.18 -3.93
C PHE D 28 -4.40 -18.69 -4.69
N CYS D 29 -4.65 -20.00 -4.64
CA CYS D 29 -5.80 -20.58 -5.33
C CYS D 29 -6.27 -21.88 -4.69
N GLY D 30 -7.48 -22.28 -5.04
CA GLY D 30 -8.03 -23.52 -4.53
C GLY D 30 -7.87 -24.61 -5.56
N GLY D 31 -8.29 -25.81 -5.19
CA GLY D 31 -8.22 -26.96 -6.06
C GLY D 31 -8.96 -28.11 -5.42
N SER D 32 -9.12 -29.22 -6.14
CA SER D 32 -9.81 -30.39 -5.60
C SER D 32 -9.07 -31.67 -5.99
N LEU D 33 -9.09 -32.65 -5.10
CA LEU D 33 -8.45 -33.93 -5.37
C LEU D 33 -9.46 -34.81 -6.11
N ILE D 34 -9.15 -35.20 -7.34
CA ILE D 34 -10.07 -36.04 -8.11
C ILE D 34 -9.50 -37.43 -8.38
N HIS D 35 -8.28 -37.65 -7.91
CA HIS D 35 -7.58 -38.91 -8.07
C HIS D 35 -6.39 -38.82 -7.13
N PRO D 36 -5.97 -39.95 -6.54
CA PRO D 36 -4.84 -39.94 -5.62
C PRO D 36 -3.59 -39.21 -6.12
N GLN D 37 -3.49 -39.03 -7.44
CA GLN D 37 -2.33 -38.37 -7.99
C GLN D 37 -2.64 -37.13 -8.83
N TRP D 38 -3.90 -36.70 -8.84
CA TRP D 38 -4.29 -35.52 -9.62
C TRP D 38 -5.19 -34.52 -8.91
N VAL D 39 -4.91 -33.24 -9.15
CA VAL D 39 -5.66 -32.14 -8.58
C VAL D 39 -6.30 -31.34 -9.72
N LEU D 40 -7.58 -31.01 -9.57
CA LEU D 40 -8.29 -30.23 -10.59
C LEU D 40 -8.32 -28.80 -10.09
N THR D 41 -8.04 -27.85 -10.98
CA THR D 41 -8.03 -26.43 -10.62
C THR D 41 -8.39 -25.55 -11.82
N ALA D 42 -8.22 -24.24 -11.66
CA ALA D 42 -8.53 -23.31 -12.74
C ALA D 42 -7.28 -22.96 -13.54
N ALA D 43 -7.43 -22.85 -14.86
CA ALA D 43 -6.29 -22.51 -15.70
C ALA D 43 -5.70 -21.15 -15.35
N HIS D 44 -6.55 -20.17 -15.04
CA HIS D 44 -6.03 -18.84 -14.75
C HIS D 44 -5.15 -18.76 -13.51
N CYS D 45 -5.20 -19.81 -12.68
CA CYS D 45 -4.38 -19.86 -11.49
C CYS D 45 -2.93 -20.23 -11.83
N VAL D 46 -2.74 -20.93 -12.94
CA VAL D 46 -1.41 -21.36 -13.34
C VAL D 46 -1.01 -20.97 -14.76
N GLY D 47 -1.91 -20.28 -15.47
CA GLY D 47 -1.62 -19.87 -16.83
C GLY D 47 -2.15 -18.49 -17.15
N PRO D 48 -2.21 -18.10 -18.44
CA PRO D 48 -1.83 -18.87 -19.62
C PRO D 48 -0.34 -19.09 -19.84
N ASP D 49 0.50 -18.30 -19.16
CA ASP D 49 1.93 -18.44 -19.34
C ASP D 49 2.54 -19.53 -18.45
N VAL D 50 3.54 -20.21 -18.99
CA VAL D 50 4.21 -21.28 -18.29
C VAL D 50 5.09 -20.77 -17.16
N LYS D 51 4.86 -21.30 -15.96
CA LYS D 51 5.64 -20.94 -14.78
C LYS D 51 6.46 -22.11 -14.26
N ASP D 52 7.48 -21.81 -13.47
CA ASP D 52 8.36 -22.82 -12.89
C ASP D 52 7.64 -23.72 -11.88
N LEU D 53 7.63 -25.03 -12.15
CA LEU D 53 6.99 -26.01 -11.28
C LEU D 53 7.51 -25.92 -9.85
N ALA D 54 8.82 -25.77 -9.73
CA ALA D 54 9.48 -25.69 -8.44
C ALA D 54 8.85 -24.68 -7.47
N ALA D 55 8.33 -23.58 -8.01
CA ALA D 55 7.72 -22.53 -7.20
C ALA D 55 6.29 -22.82 -6.77
N LEU D 56 5.82 -24.05 -7.02
CA LEU D 56 4.45 -24.42 -6.67
C LEU D 56 4.38 -25.67 -5.80
N ARG D 57 3.43 -25.66 -4.86
CA ARG D 57 3.21 -26.83 -4.01
C ARG D 57 1.76 -26.95 -3.61
N VAL D 58 1.32 -28.18 -3.37
CA VAL D 58 -0.05 -28.45 -2.99
C VAL D 58 -0.20 -28.85 -1.52
N GLN D 59 -1.27 -28.38 -0.89
CA GLN D 59 -1.57 -28.69 0.50
C GLN D 59 -2.95 -29.33 0.51
N LEU D 60 -3.04 -30.57 1.00
CA LEU D 60 -4.31 -31.29 1.06
C LEU D 60 -5.18 -30.73 2.17
N ARG D 61 -6.42 -31.22 2.25
CA ARG D 61 -7.38 -30.74 3.24
C ARG D 61 -6.82 -30.49 4.63
N GLU D 62 -7.01 -29.28 5.13
CA GLU D 62 -6.58 -28.88 6.46
C GLU D 62 -7.58 -27.82 6.94
N GLN D 63 -7.85 -27.78 8.25
CA GLN D 63 -8.78 -26.81 8.82
C GLN D 63 -8.33 -25.37 8.74
N HIS D 64 -7.07 -25.12 9.10
CA HIS D 64 -6.52 -23.76 9.05
C HIS D 64 -5.25 -23.71 8.23
N LEU D 65 -5.17 -22.75 7.31
CA LEU D 65 -4.00 -22.60 6.47
C LEU D 65 -2.74 -22.35 7.30
N TYR D 66 -1.62 -22.89 6.83
CA TYR D 66 -0.31 -22.69 7.45
C TYR D 66 -0.02 -23.38 8.78
N TYR D 67 -1.06 -23.70 9.53
CA TYR D 67 -0.88 -24.34 10.83
C TYR D 67 -0.19 -25.70 10.79
N GLN D 68 -0.82 -26.65 10.10
CA GLN D 68 -0.28 -28.00 10.03
C GLN D 68 0.13 -28.37 8.62
N ASP D 69 0.89 -27.50 7.95
CA ASP D 69 1.30 -27.76 6.58
C ASP D 69 2.19 -28.99 6.34
N GLN D 70 1.92 -29.65 5.23
CA GLN D 70 2.66 -30.82 4.76
C GLN D 70 2.57 -30.65 3.25
N LEU D 71 3.40 -29.74 2.74
CA LEU D 71 3.43 -29.40 1.32
C LEU D 71 3.87 -30.52 0.38
N LEU D 72 3.14 -30.69 -0.73
CA LEU D 72 3.45 -31.71 -1.72
C LEU D 72 3.86 -31.08 -3.05
N PRO D 73 5.00 -31.54 -3.62
CA PRO D 73 5.50 -31.03 -4.90
C PRO D 73 4.68 -31.56 -6.08
N VAL D 74 4.78 -30.88 -7.21
CA VAL D 74 4.04 -31.23 -8.42
C VAL D 74 5.00 -31.61 -9.56
N SER D 75 4.69 -32.68 -10.29
CA SER D 75 5.54 -33.09 -11.41
C SER D 75 5.03 -32.55 -12.75
N ARG D 76 3.73 -32.27 -12.84
CA ARG D 76 3.18 -31.74 -14.08
C ARG D 76 2.02 -30.77 -13.93
N ILE D 77 1.97 -29.80 -14.84
CA ILE D 77 0.91 -28.81 -14.86
C ILE D 77 0.31 -28.91 -16.27
N ILE D 78 -0.96 -29.28 -16.37
CA ILE D 78 -1.61 -29.39 -17.67
C ILE D 78 -2.76 -28.40 -17.75
N VAL D 79 -2.68 -27.49 -18.72
CA VAL D 79 -3.70 -26.46 -18.91
C VAL D 79 -4.45 -26.66 -20.23
N HIS D 80 -5.77 -26.52 -20.19
CA HIS D 80 -6.53 -26.70 -21.40
C HIS D 80 -5.98 -25.77 -22.48
N PRO D 81 -5.57 -26.35 -23.62
CA PRO D 81 -5.01 -25.57 -24.74
C PRO D 81 -5.89 -24.45 -25.30
N GLN D 82 -7.19 -24.49 -25.02
CA GLN D 82 -8.09 -23.45 -25.51
C GLN D 82 -8.10 -22.23 -24.60
N PHE D 83 -7.41 -22.33 -23.47
CA PHE D 83 -7.40 -21.22 -22.52
C PHE D 83 -6.46 -20.06 -22.73
N TYR D 84 -6.99 -18.85 -22.53
CA TYR D 84 -6.18 -17.64 -22.57
C TYR D 84 -6.71 -16.69 -21.50
N THR D 85 -8.04 -16.57 -21.38
CA THR D 85 -8.63 -15.74 -20.32
C THR D 85 -9.91 -16.40 -19.80
N ALA D 86 -10.26 -16.13 -18.56
CA ALA D 86 -11.46 -16.71 -17.95
C ALA D 86 -12.73 -16.29 -18.68
N GLN D 87 -12.75 -15.04 -19.17
CA GLN D 87 -13.93 -14.54 -19.87
C GLN D 87 -14.17 -15.23 -21.20
N ILE D 88 -13.10 -15.68 -21.85
CA ILE D 88 -13.24 -16.38 -23.12
C ILE D 88 -13.65 -17.83 -22.85
N GLY D 89 -13.09 -18.43 -21.81
CA GLY D 89 -13.46 -19.80 -21.47
C GLY D 89 -12.34 -20.82 -21.36
N ALA D 90 -12.75 -22.07 -21.14
CA ALA D 90 -11.83 -23.19 -20.98
C ALA D 90 -10.91 -22.96 -19.78
N ASP D 91 -11.43 -22.30 -18.76
CA ASP D 91 -10.65 -22.01 -17.56
C ASP D 91 -10.57 -23.24 -16.67
N ILE D 92 -9.72 -24.19 -17.06
CA ILE D 92 -9.59 -25.43 -16.31
C ILE D 92 -8.19 -26.02 -16.51
N ALA D 93 -7.63 -26.61 -15.45
CA ALA D 93 -6.29 -27.20 -15.51
C ALA D 93 -6.11 -28.39 -14.56
N LEU D 94 -5.05 -29.15 -14.78
CA LEU D 94 -4.74 -30.33 -13.97
C LEU D 94 -3.32 -30.32 -13.44
N LEU D 95 -3.16 -30.72 -12.18
CA LEU D 95 -1.83 -30.78 -11.57
C LEU D 95 -1.56 -32.24 -11.19
N GLU D 96 -0.46 -32.81 -11.69
CA GLU D 96 -0.14 -34.18 -11.29
C GLU D 96 0.92 -34.12 -10.19
N LEU D 97 0.64 -34.79 -9.08
CA LEU D 97 1.56 -34.81 -7.94
C LEU D 97 2.69 -35.81 -8.21
N GLU D 98 3.83 -35.61 -7.57
CA GLU D 98 4.99 -36.48 -7.74
C GLU D 98 4.77 -37.87 -7.16
N GLU D 99 3.83 -37.97 -6.22
CA GLU D 99 3.53 -39.25 -5.58
C GLU D 99 2.02 -39.33 -5.39
N PRO D 100 1.46 -40.55 -5.42
CA PRO D 100 0.02 -40.66 -5.22
C PRO D 100 -0.21 -40.45 -3.72
N VAL D 101 -1.36 -39.89 -3.33
CA VAL D 101 -1.61 -39.68 -1.92
C VAL D 101 -2.41 -40.83 -1.32
N LYS D 102 -2.34 -40.96 0.00
CA LYS D 102 -3.07 -41.99 0.72
C LYS D 102 -4.42 -41.37 1.08
N VAL D 103 -5.52 -42.05 0.76
CA VAL D 103 -6.83 -41.50 1.08
C VAL D 103 -7.40 -42.05 2.37
N SER D 104 -8.38 -41.32 2.91
CA SER D 104 -9.04 -41.70 4.15
C SER D 104 -10.32 -40.88 4.24
N SER D 105 -11.03 -41.00 5.36
CA SER D 105 -12.27 -40.25 5.53
C SER D 105 -12.00 -38.75 5.61
N HIS D 106 -10.80 -38.39 6.07
CA HIS D 106 -10.44 -36.98 6.20
C HIS D 106 -9.88 -36.38 4.92
N VAL D 107 -9.31 -37.23 4.07
CA VAL D 107 -8.75 -36.77 2.80
C VAL D 107 -9.03 -37.78 1.70
N HIS D 108 -9.88 -37.41 0.74
CA HIS D 108 -10.17 -38.29 -0.38
C HIS D 108 -10.71 -37.53 -1.59
N THR D 109 -10.84 -38.22 -2.72
CA THR D 109 -11.29 -37.60 -3.96
C THR D 109 -12.76 -37.21 -4.00
N VAL D 110 -13.10 -36.30 -4.91
CA VAL D 110 -14.47 -35.86 -5.11
C VAL D 110 -14.91 -36.53 -6.41
N THR D 111 -16.19 -36.84 -6.54
CA THR D 111 -16.70 -37.51 -7.73
C THR D 111 -17.10 -36.55 -8.85
N LEU D 112 -16.65 -36.84 -10.07
CA LEU D 112 -16.99 -35.99 -11.21
C LEU D 112 -18.38 -36.39 -11.72
N PRO D 113 -19.15 -35.41 -12.21
CA PRO D 113 -20.49 -35.64 -12.72
C PRO D 113 -20.59 -36.34 -14.08
N PRO D 114 -21.71 -37.02 -14.33
CA PRO D 114 -21.91 -37.72 -15.59
C PRO D 114 -22.08 -36.63 -16.65
N ALA D 115 -21.70 -36.93 -17.88
CA ALA D 115 -21.80 -35.94 -18.96
C ALA D 115 -23.18 -35.29 -19.07
N SER D 116 -24.24 -36.05 -18.82
CA SER D 116 -25.60 -35.54 -18.92
C SER D 116 -26.12 -34.64 -17.81
N GLU D 117 -25.44 -34.61 -16.66
CA GLU D 117 -25.90 -33.79 -15.54
C GLU D 117 -25.87 -32.29 -15.86
N THR D 118 -27.00 -31.62 -15.62
CA THR D 118 -27.14 -30.19 -15.90
C THR D 118 -27.11 -29.25 -14.71
N PHE D 119 -27.38 -29.78 -13.52
CA PHE D 119 -27.39 -28.95 -12.31
C PHE D 119 -28.31 -27.75 -12.49
N PRO D 120 -29.64 -28.00 -12.53
CA PRO D 120 -30.63 -26.95 -12.70
C PRO D 120 -30.83 -26.10 -11.46
N PRO D 121 -31.50 -24.95 -11.60
CA PRO D 121 -31.74 -24.07 -10.45
C PRO D 121 -32.52 -24.84 -9.40
N GLY D 122 -32.27 -24.55 -8.13
CA GLY D 122 -32.99 -25.25 -7.08
C GLY D 122 -32.21 -26.40 -6.50
N MET D 123 -31.15 -26.80 -7.18
CA MET D 123 -30.32 -27.89 -6.69
C MET D 123 -29.41 -27.36 -5.59
N PRO D 124 -29.23 -28.13 -4.51
CA PRO D 124 -28.38 -27.75 -3.38
C PRO D 124 -26.89 -27.85 -3.70
N CYS D 125 -26.21 -26.71 -3.76
CA CYS D 125 -24.79 -26.69 -4.06
C CYS D 125 -24.00 -25.78 -3.13
N TRP D 126 -22.75 -26.16 -2.86
CA TRP D 126 -21.87 -25.40 -1.99
C TRP D 126 -20.53 -25.11 -2.67
N VAL D 127 -19.92 -23.97 -2.33
CA VAL D 127 -18.61 -23.62 -2.86
C VAL D 127 -17.71 -23.39 -1.66
N THR D 128 -16.46 -23.82 -1.73
CA THR D 128 -15.56 -23.67 -0.60
C THR D 128 -14.20 -23.09 -0.94
N GLY D 129 -13.53 -22.53 0.06
CA GLY D 129 -12.22 -21.96 -0.16
C GLY D 129 -11.73 -21.06 0.96
N TRP D 130 -10.50 -20.60 0.82
CA TRP D 130 -9.83 -19.71 1.77
C TRP D 130 -9.71 -18.31 1.20
N GLY D 131 -10.52 -17.99 0.19
CA GLY D 131 -10.45 -16.68 -0.43
C GLY D 131 -11.06 -15.52 0.36
N ASP D 132 -11.04 -14.34 -0.22
CA ASP D 132 -11.57 -13.14 0.43
C ASP D 132 -13.01 -13.32 0.89
N VAL D 133 -13.32 -12.73 2.03
CA VAL D 133 -14.66 -12.82 2.61
C VAL D 133 -15.56 -11.72 2.06
N ASP D 134 -14.95 -10.81 1.30
CA ASP D 134 -15.67 -9.71 0.67
C ASP D 134 -14.71 -8.99 -0.27
N ASN D 135 -15.25 -8.14 -1.14
CA ASN D 135 -14.44 -7.39 -2.09
C ASN D 135 -13.26 -6.71 -1.41
N ASP D 136 -12.05 -7.09 -1.84
CA ASP D 136 -10.84 -6.52 -1.28
C ASP D 136 -10.79 -6.64 0.24
N GLU D 137 -11.22 -7.78 0.75
CA GLU D 137 -11.22 -8.05 2.19
C GLU D 137 -10.74 -9.48 2.40
N ARG D 138 -9.49 -9.64 2.83
CA ARG D 138 -8.91 -10.96 3.03
C ARG D 138 -9.43 -11.76 4.21
N LEU D 139 -9.31 -13.08 4.11
CA LEU D 139 -9.73 -13.97 5.18
C LEU D 139 -8.74 -13.72 6.30
N PRO D 140 -9.22 -13.30 7.48
CA PRO D 140 -8.32 -13.03 8.59
C PRO D 140 -7.77 -14.29 9.27
N PRO D 141 -6.65 -14.16 9.99
CA PRO D 141 -6.08 -15.32 10.68
C PRO D 141 -7.18 -15.78 11.65
N PRO D 142 -7.19 -17.07 12.03
CA PRO D 142 -6.29 -18.16 11.65
C PRO D 142 -6.60 -18.85 10.32
N PHE D 143 -7.25 -18.14 9.41
CA PHE D 143 -7.56 -18.66 8.07
C PHE D 143 -8.34 -19.97 8.02
N PRO D 144 -9.58 -19.98 8.52
CA PRO D 144 -10.34 -21.24 8.46
C PRO D 144 -10.94 -21.48 7.09
N LEU D 145 -11.10 -22.75 6.72
CA LEU D 145 -11.72 -23.07 5.44
C LEU D 145 -13.18 -22.66 5.56
N LYS D 146 -13.68 -21.87 4.60
CA LYS D 146 -15.07 -21.45 4.63
C LYS D 146 -15.90 -22.18 3.58
N GLN D 147 -17.21 -22.17 3.80
CA GLN D 147 -18.17 -22.80 2.89
C GLN D 147 -19.41 -21.92 2.84
N VAL D 148 -20.16 -22.02 1.74
CA VAL D 148 -21.38 -21.24 1.61
C VAL D 148 -22.27 -21.90 0.56
N LYS D 149 -23.56 -21.98 0.87
CA LYS D 149 -24.52 -22.57 -0.05
C LYS D 149 -24.91 -21.49 -1.05
N VAL D 150 -24.78 -21.79 -2.34
CA VAL D 150 -25.13 -20.81 -3.37
C VAL D 150 -26.21 -21.34 -4.29
N PRO D 151 -27.14 -20.46 -4.69
CA PRO D 151 -28.23 -20.86 -5.59
C PRO D 151 -27.77 -20.89 -7.04
N ILE D 152 -28.07 -21.99 -7.73
CA ILE D 152 -27.72 -22.14 -9.14
C ILE D 152 -28.65 -21.23 -9.94
N MET D 153 -28.15 -20.67 -11.03
CA MET D 153 -28.94 -19.80 -11.88
C MET D 153 -28.71 -20.19 -13.33
N GLU D 154 -29.80 -20.44 -14.06
CA GLU D 154 -29.68 -20.83 -15.47
C GLU D 154 -28.80 -19.87 -16.26
N ASN D 155 -27.97 -20.43 -17.12
CA ASN D 155 -27.05 -19.64 -17.93
C ASN D 155 -27.67 -18.45 -18.65
N HIS D 156 -28.77 -18.66 -19.39
CA HIS D 156 -29.38 -17.56 -20.12
C HIS D 156 -29.88 -16.43 -19.20
N ILE D 157 -30.34 -16.79 -18.00
CA ILE D 157 -30.82 -15.78 -17.07
C ILE D 157 -29.62 -14.97 -16.58
N CYS D 158 -28.56 -15.69 -16.26
CA CYS D 158 -27.32 -15.09 -15.80
C CYS D 158 -26.75 -14.15 -16.86
N ASP D 159 -26.75 -14.61 -18.11
CA ASP D 159 -26.23 -13.80 -19.20
C ASP D 159 -26.99 -12.48 -19.29
N ALA D 160 -28.32 -12.54 -19.23
CA ALA D 160 -29.14 -11.34 -19.29
C ALA D 160 -28.74 -10.37 -18.18
N LYS D 161 -28.59 -10.87 -16.95
CA LYS D 161 -28.19 -10.00 -15.84
C LYS D 161 -26.86 -9.31 -16.09
N TYR D 162 -25.88 -10.04 -16.61
CA TYR D 162 -24.56 -9.47 -16.87
C TYR D 162 -24.65 -8.35 -17.92
N HIS D 163 -25.74 -8.30 -18.68
CA HIS D 163 -25.93 -7.25 -19.68
C HIS D 163 -26.59 -6.01 -19.09
N LEU D 164 -27.23 -6.16 -17.93
CA LEU D 164 -27.88 -5.02 -17.27
C LEU D 164 -26.83 -4.04 -16.76
N GLY D 165 -26.95 -2.78 -17.13
CA GLY D 165 -25.97 -1.81 -16.69
C GLY D 165 -24.67 -1.90 -17.47
N ALA D 166 -24.71 -2.50 -18.66
CA ALA D 166 -23.52 -2.63 -19.49
C ALA D 166 -23.79 -2.18 -20.92
N TYR D 167 -22.75 -1.70 -21.58
CA TYR D 167 -22.84 -1.25 -22.97
C TYR D 167 -22.90 -2.42 -23.95
N THR D 168 -22.41 -3.57 -23.52
CA THR D 168 -22.37 -4.75 -24.38
C THR D 168 -23.72 -5.12 -24.99
N GLY D 169 -23.72 -5.32 -26.31
CA GLY D 169 -24.94 -5.69 -27.01
C GLY D 169 -25.61 -6.92 -26.43
N ASP D 170 -26.94 -6.90 -26.35
CA ASP D 170 -27.67 -8.02 -25.78
C ASP D 170 -27.40 -9.36 -26.45
N ASP D 171 -27.13 -9.35 -27.75
CA ASP D 171 -26.88 -10.60 -28.48
C ASP D 171 -25.44 -11.09 -28.41
N VAL D 172 -24.58 -10.32 -27.76
CA VAL D 172 -23.18 -10.71 -27.60
C VAL D 172 -23.11 -11.48 -26.28
N ARG D 173 -23.07 -12.81 -26.35
CA ARG D 173 -23.05 -13.62 -25.15
C ARG D 173 -21.83 -13.42 -24.26
N ILE D 174 -22.10 -13.20 -22.97
CA ILE D 174 -21.06 -12.98 -21.97
C ILE D 174 -20.87 -14.26 -21.17
N VAL D 175 -21.95 -14.84 -20.67
CA VAL D 175 -21.85 -16.09 -19.93
C VAL D 175 -21.95 -17.19 -20.99
N ARG D 176 -20.83 -17.84 -21.25
CA ARG D 176 -20.76 -18.86 -22.29
C ARG D 176 -21.22 -20.26 -21.88
N ASP D 177 -21.49 -21.08 -22.89
CA ASP D 177 -21.98 -22.44 -22.70
C ASP D 177 -21.11 -23.36 -21.85
N ASP D 178 -19.80 -23.09 -21.81
CA ASP D 178 -18.91 -23.92 -21.02
C ASP D 178 -18.77 -23.34 -19.61
N MET D 179 -19.70 -22.45 -19.26
CA MET D 179 -19.73 -21.79 -17.96
C MET D 179 -21.02 -22.10 -17.16
N LEU D 180 -21.00 -21.78 -15.87
CA LEU D 180 -22.13 -22.01 -14.97
C LEU D 180 -22.17 -20.92 -13.90
N CYS D 181 -23.37 -20.42 -13.58
CA CYS D 181 -23.51 -19.37 -12.57
C CYS D 181 -24.17 -19.82 -11.28
N ALA D 182 -23.69 -19.24 -10.17
CA ALA D 182 -24.23 -19.52 -8.85
C ALA D 182 -23.94 -18.34 -7.93
N GLY D 183 -24.76 -18.20 -6.89
CA GLY D 183 -24.57 -17.12 -5.92
C GLY D 183 -25.47 -15.91 -6.09
N ASN D 184 -25.46 -15.05 -5.07
CA ASN D 184 -26.25 -13.82 -5.09
C ASN D 184 -25.51 -12.72 -4.32
N THR D 185 -26.23 -11.67 -3.93
CA THR D 185 -25.61 -10.55 -3.22
C THR D 185 -25.21 -10.86 -1.78
N ARG D 186 -25.50 -12.07 -1.32
CA ARG D 186 -25.15 -12.45 0.05
C ARG D 186 -24.23 -13.67 0.10
N ARG D 187 -24.33 -14.53 -0.91
CA ARG D 187 -23.53 -15.75 -0.96
C ARG D 187 -22.76 -15.82 -2.27
N ASP D 188 -21.43 -15.99 -2.21
CA ASP D 188 -20.63 -16.02 -3.43
C ASP D 188 -19.18 -16.44 -3.17
N SER D 189 -18.46 -16.68 -4.25
CA SER D 189 -17.05 -17.02 -4.20
C SER D 189 -16.35 -15.67 -4.38
N CYS D 190 -15.05 -15.62 -4.16
CA CYS D 190 -14.33 -14.36 -4.35
C CYS D 190 -12.86 -14.67 -4.67
N GLN D 191 -12.07 -13.63 -4.93
CA GLN D 191 -10.65 -13.84 -5.24
C GLN D 191 -10.02 -14.74 -4.17
N GLY D 192 -9.22 -15.69 -4.61
CA GLY D 192 -8.59 -16.58 -3.65
C GLY D 192 -9.30 -17.94 -3.66
N ASP D 193 -10.57 -17.95 -4.06
CA ASP D 193 -11.33 -19.20 -4.12
C ASP D 193 -11.18 -19.83 -5.50
N SER D 194 -10.66 -19.05 -6.45
CA SER D 194 -10.48 -19.52 -7.82
C SER D 194 -9.81 -20.89 -7.85
N GLY D 195 -10.29 -21.74 -8.75
CA GLY D 195 -9.75 -23.08 -8.90
C GLY D 195 -10.42 -24.05 -7.95
N GLY D 196 -11.11 -23.51 -6.97
CA GLY D 196 -11.81 -24.31 -5.97
C GLY D 196 -13.03 -25.01 -6.53
N PRO D 197 -13.64 -25.92 -5.77
CA PRO D 197 -14.82 -26.65 -6.25
C PRO D 197 -16.18 -26.10 -5.85
N LEU D 198 -17.15 -26.32 -6.72
CA LEU D 198 -18.55 -25.98 -6.46
C LEU D 198 -19.13 -27.40 -6.53
N VAL D 199 -19.65 -27.90 -5.41
CA VAL D 199 -20.21 -29.24 -5.39
C VAL D 199 -21.70 -29.29 -5.08
N CYS D 200 -22.41 -30.21 -5.72
CA CYS D 200 -23.85 -30.37 -5.49
C CYS D 200 -24.15 -31.82 -5.09
N LYS D 201 -25.04 -31.99 -4.12
CA LYS D 201 -25.44 -33.32 -3.66
C LYS D 201 -26.53 -33.82 -4.61
N VAL D 202 -26.20 -34.85 -5.39
CA VAL D 202 -27.14 -35.43 -6.34
C VAL D 202 -27.34 -36.91 -6.11
N ASN D 203 -28.60 -37.31 -5.96
CA ASN D 203 -28.94 -38.72 -5.73
C ASN D 203 -28.10 -39.25 -4.57
N GLY D 204 -27.91 -38.43 -3.54
CA GLY D 204 -27.15 -38.83 -2.37
C GLY D 204 -25.62 -38.76 -2.45
N THR D 205 -25.07 -38.31 -3.57
CA THR D 205 -23.62 -38.23 -3.70
C THR D 205 -23.17 -36.82 -4.10
N TRP D 206 -21.98 -36.42 -3.66
CA TRP D 206 -21.47 -35.10 -4.02
C TRP D 206 -20.78 -35.16 -5.37
N LEU D 207 -21.15 -34.25 -6.28
CA LEU D 207 -20.56 -34.20 -7.61
C LEU D 207 -20.03 -32.78 -7.83
N GLN D 208 -18.82 -32.65 -8.36
CA GLN D 208 -18.28 -31.31 -8.61
C GLN D 208 -18.83 -30.76 -9.91
N ALA D 209 -19.78 -29.84 -9.79
CA ALA D 209 -20.40 -29.22 -10.95
C ALA D 209 -19.51 -28.17 -11.61
N GLY D 210 -18.67 -27.51 -10.83
CA GLY D 210 -17.82 -26.49 -11.42
C GLY D 210 -16.53 -26.16 -10.70
N VAL D 211 -15.79 -25.25 -11.30
CA VAL D 211 -14.52 -24.77 -10.76
C VAL D 211 -14.65 -23.25 -10.68
N VAL D 212 -14.36 -22.67 -9.52
CA VAL D 212 -14.46 -21.22 -9.37
C VAL D 212 -13.60 -20.56 -10.44
N SER D 213 -14.21 -19.72 -11.29
CA SER D 213 -13.49 -19.10 -12.39
C SER D 213 -13.35 -17.59 -12.38
N TRP D 214 -14.46 -16.87 -12.45
CA TRP D 214 -14.40 -15.42 -12.45
C TRP D 214 -15.74 -14.77 -12.11
N GLY D 215 -15.84 -13.46 -12.33
CA GLY D 215 -17.06 -12.73 -12.05
C GLY D 215 -16.72 -11.27 -11.85
N GLU D 216 -17.71 -10.39 -11.91
CA GLU D 216 -17.46 -8.97 -11.72
C GLU D 216 -17.63 -8.58 -10.27
N GLY D 217 -16.54 -8.48 -9.54
CA GLY D 217 -16.63 -8.15 -8.13
C GLY D 217 -17.17 -9.39 -7.46
N CYS D 218 -17.45 -9.31 -6.16
CA CYS D 218 -17.95 -10.44 -5.41
C CYS D 218 -19.28 -10.10 -4.76
N ALA D 219 -20.30 -10.92 -5.02
CA ALA D 219 -21.63 -10.71 -4.46
C ALA D 219 -22.23 -9.37 -4.85
N GLN D 220 -21.86 -8.87 -6.03
CA GLN D 220 -22.38 -7.60 -6.53
C GLN D 220 -23.71 -7.85 -7.26
N PRO D 221 -24.66 -6.91 -7.15
CA PRO D 221 -25.96 -7.07 -7.82
C PRO D 221 -25.91 -7.29 -9.33
N ASN D 222 -26.74 -8.21 -9.81
CA ASN D 222 -26.80 -8.53 -11.22
C ASN D 222 -25.48 -9.09 -11.73
N ARG D 223 -24.65 -9.61 -10.83
CA ARG D 223 -23.35 -10.16 -11.23
C ARG D 223 -22.97 -11.43 -10.45
N PRO D 224 -23.69 -12.54 -10.70
CA PRO D 224 -23.45 -13.83 -10.04
C PRO D 224 -22.03 -14.32 -10.30
N GLY D 225 -21.54 -15.20 -9.43
CA GLY D 225 -20.22 -15.77 -9.60
C GLY D 225 -20.24 -16.74 -10.78
N ILE D 226 -19.13 -16.81 -11.50
CA ILE D 226 -19.04 -17.69 -12.66
C ILE D 226 -18.04 -18.82 -12.48
N TYR D 227 -18.48 -20.02 -12.85
CA TYR D 227 -17.68 -21.24 -12.72
C TYR D 227 -17.51 -21.96 -14.04
N THR D 228 -16.42 -22.71 -14.17
CA THR D 228 -16.19 -23.50 -15.37
C THR D 228 -17.09 -24.73 -15.20
N ARG D 229 -17.87 -25.05 -16.22
CA ARG D 229 -18.79 -26.20 -16.18
C ARG D 229 -18.00 -27.49 -16.44
N VAL D 230 -17.80 -28.28 -15.37
CA VAL D 230 -17.05 -29.51 -15.44
C VAL D 230 -17.50 -30.53 -16.51
N THR D 231 -18.81 -30.71 -16.65
CA THR D 231 -19.31 -31.68 -17.63
C THR D 231 -18.82 -31.40 -19.05
N TYR D 232 -18.53 -30.15 -19.34
CA TYR D 232 -18.08 -29.73 -20.67
C TYR D 232 -16.65 -30.19 -20.99
N TYR D 233 -15.85 -30.44 -19.97
CA TYR D 233 -14.46 -30.83 -20.16
C TYR D 233 -14.10 -32.23 -19.66
N LEU D 234 -15.09 -33.11 -19.54
CA LEU D 234 -14.84 -34.46 -19.05
C LEU D 234 -13.90 -35.24 -19.96
N ASP D 235 -14.12 -35.16 -21.27
CA ASP D 235 -13.27 -35.88 -22.22
C ASP D 235 -11.82 -35.43 -22.09
N TRP D 236 -11.62 -34.13 -21.96
CA TRP D 236 -10.27 -33.61 -21.82
C TRP D 236 -9.64 -34.17 -20.54
N ILE D 237 -10.35 -34.03 -19.43
CA ILE D 237 -9.86 -34.52 -18.15
C ILE D 237 -9.46 -35.99 -18.24
N HIS D 238 -10.37 -36.80 -18.79
CA HIS D 238 -10.15 -38.23 -18.91
C HIS D 238 -9.01 -38.61 -19.83
N HIS D 239 -8.46 -37.64 -20.54
CA HIS D 239 -7.34 -37.94 -21.42
C HIS D 239 -6.10 -38.07 -20.53
N TYR D 240 -6.15 -37.47 -19.34
CA TYR D 240 -5.02 -37.49 -18.42
C TYR D 240 -5.26 -38.26 -17.12
N VAL D 241 -6.46 -38.13 -16.58
CA VAL D 241 -6.79 -38.80 -15.31
C VAL D 241 -7.53 -40.11 -15.55
N PRO D 242 -6.94 -41.23 -15.09
CA PRO D 242 -7.58 -42.53 -15.26
C PRO D 242 -8.72 -42.77 -14.28
N LYS D 243 -9.61 -43.71 -14.61
CA LYS D 243 -10.74 -44.04 -13.76
C LYS D 243 -10.31 -45.09 -12.72
#